data_2X3D
#
_entry.id   2X3D
#
_cell.length_a   151.090
_cell.length_b   82.980
_cell.length_c   69.860
_cell.angle_alpha   90.00
_cell.angle_beta   109.70
_cell.angle_gamma   90.00
#
_symmetry.space_group_name_H-M   'C 1 2 1'
#
loop_
_entity.id
_entity.type
_entity.pdbx_description
1 polymer SSO6206
2 water water
#
_entity_poly.entity_id   1
_entity_poly.type   'polypeptide(L)'
_entity_poly.pdbx_seq_one_letter_code
;GMAIRRLVLDVLKPIRGTSIVDLAERISKLDGVEGVNISVTDMDVETMGLMIIIEGTSLNFDDIRKMLEEEGCAIHSIDE
VVSGNRIIEGKIKDDL
;
_entity_poly.pdbx_strand_id   A,B,C,D,E,F,G,H
#
# COMPACT_ATOMS: atom_id res chain seq x y z
N GLY A 1 0.58 -32.40 -13.40
CA GLY A 1 0.78 -32.35 -11.92
C GLY A 1 2.13 -31.71 -11.52
N MET A 2 2.09 -30.65 -10.72
CA MET A 2 3.26 -29.83 -10.43
C MET A 2 3.77 -29.99 -8.99
N ALA A 3 3.01 -30.69 -8.16
CA ALA A 3 3.43 -31.09 -6.82
C ALA A 3 3.91 -29.90 -5.98
N ILE A 4 5.08 -30.01 -5.34
CA ILE A 4 5.55 -28.99 -4.42
C ILE A 4 6.15 -27.79 -5.16
N ARG A 5 5.65 -26.61 -4.80
CA ARG A 5 6.04 -25.36 -5.46
C ARG A 5 6.84 -24.41 -4.59
N ARG A 6 6.56 -24.38 -3.30
CA ARG A 6 7.30 -23.54 -2.37
C ARG A 6 7.50 -24.21 -1.04
N LEU A 7 8.73 -24.16 -0.54
CA LEU A 7 9.07 -24.59 0.81
C LEU A 7 9.70 -23.42 1.54
N VAL A 8 9.21 -23.13 2.74
CA VAL A 8 9.85 -22.16 3.64
C VAL A 8 10.33 -22.92 4.88
N LEU A 9 11.65 -23.01 5.04
CA LEU A 9 12.27 -23.80 6.09
C LEU A 9 13.00 -22.94 7.12
N ASP A 10 12.78 -23.24 8.40
CA ASP A 10 13.55 -22.64 9.49
C ASP A 10 14.66 -23.63 9.81
N VAL A 11 15.90 -23.22 9.51
CA VAL A 11 17.03 -24.14 9.53
C VAL A 11 18.13 -23.70 10.48
N LEU A 12 18.74 -24.68 11.16
CA LEU A 12 19.89 -24.47 12.02
C LEU A 12 21.16 -24.96 11.34
N LYS A 13 22.19 -24.13 11.34
CA LYS A 13 23.47 -24.52 10.75
C LYS A 13 24.61 -24.11 11.67
N PRO A 14 25.67 -24.94 11.75
CA PRO A 14 26.85 -24.52 12.51
C PRO A 14 27.42 -23.23 11.93
N ILE A 15 27.84 -22.33 12.81
CA ILE A 15 28.30 -20.99 12.43
C ILE A 15 29.40 -21.00 11.35
N ARG A 16 30.11 -22.11 11.24
CA ARG A 16 31.02 -22.32 10.12
C ARG A 16 30.99 -23.76 9.61
N GLY A 17 31.45 -23.92 8.36
CA GLY A 17 31.39 -25.18 7.65
C GLY A 17 31.08 -24.80 6.22
N THR A 18 30.02 -25.37 5.67
CA THR A 18 29.52 -24.95 4.37
C THR A 18 28.96 -23.55 4.54
N SER A 19 29.52 -22.57 3.80
CA SER A 19 28.96 -21.23 3.76
C SER A 19 27.57 -21.27 3.13
N ILE A 20 26.72 -20.32 3.50
CA ILE A 20 25.34 -20.33 3.00
C ILE A 20 25.29 -20.04 1.50
N VAL A 21 26.35 -19.41 0.97
CA VAL A 21 26.46 -19.18 -0.46
C VAL A 21 26.57 -20.51 -1.19
N ASP A 22 27.53 -21.34 -0.78
CA ASP A 22 27.69 -22.66 -1.39
C ASP A 22 26.44 -23.52 -1.18
N LEU A 23 25.81 -23.36 -0.04
CA LEU A 23 24.60 -24.09 0.26
C LEU A 23 23.45 -23.69 -0.67
N ALA A 24 23.30 -22.39 -0.91
CA ALA A 24 22.26 -21.86 -1.79
C ALA A 24 22.51 -22.35 -3.23
N GLU A 25 23.77 -22.38 -3.63
CA GLU A 25 24.11 -22.79 -4.97
C GLU A 25 23.74 -24.27 -5.19
N ARG A 26 24.10 -25.13 -4.24
CA ARG A 26 23.87 -26.58 -4.41
C ARG A 26 22.38 -26.90 -4.45
N ILE A 27 21.60 -26.23 -3.61
CA ILE A 27 20.15 -26.41 -3.62
C ILE A 27 19.54 -25.95 -4.95
N SER A 28 20.06 -24.85 -5.49
CA SER A 28 19.52 -24.29 -6.72
C SER A 28 19.76 -25.17 -7.93
N LYS A 29 20.71 -26.10 -7.82
CA LYS A 29 21.00 -27.05 -8.90
C LYS A 29 20.13 -28.30 -8.89
N LEU A 30 19.32 -28.49 -7.85
CA LEU A 30 18.40 -29.65 -7.82
C LEU A 30 17.32 -29.55 -8.88
N ASP A 31 16.83 -30.70 -9.32
CA ASP A 31 15.78 -30.77 -10.34
C ASP A 31 14.51 -30.08 -9.86
N GLY A 32 13.98 -29.20 -10.70
CA GLY A 32 12.72 -28.54 -10.39
C GLY A 32 12.87 -27.23 -9.65
N VAL A 33 14.03 -27.01 -9.04
CA VAL A 33 14.25 -25.79 -8.28
C VAL A 33 14.47 -24.63 -9.22
N GLU A 34 13.70 -23.56 -9.03
CA GLU A 34 13.84 -22.36 -9.87
C GLU A 34 14.46 -21.19 -9.14
N GLY A 35 14.49 -21.26 -7.81
CA GLY A 35 15.13 -20.22 -7.01
C GLY A 35 15.25 -20.59 -5.55
N VAL A 36 16.33 -20.11 -4.92
CA VAL A 36 16.54 -20.26 -3.48
C VAL A 36 16.87 -18.91 -2.86
N ASN A 37 16.26 -18.63 -1.71
CA ASN A 37 16.65 -17.46 -0.93
C ASN A 37 17.02 -17.90 0.48
N ILE A 38 18.28 -17.74 0.85
CA ILE A 38 18.73 -18.02 2.22
C ILE A 38 19.08 -16.74 2.93
N SER A 39 18.45 -16.48 4.06
CA SER A 39 18.78 -15.30 4.84
C SER A 39 18.97 -15.65 6.31
N VAL A 40 19.89 -14.95 6.95
CA VAL A 40 20.19 -15.17 8.35
C VAL A 40 19.18 -14.44 9.19
N THR A 41 18.50 -15.18 10.08
CA THR A 41 17.51 -14.59 10.98
C THR A 41 18.17 -14.24 12.33
N ASP A 42 19.02 -15.13 12.83
CA ASP A 42 19.83 -14.84 14.02
C ASP A 42 21.03 -15.79 14.13
N MET A 43 21.92 -15.52 15.09
CA MET A 43 23.02 -16.45 15.37
C MET A 43 23.59 -16.37 16.78
N ASP A 44 23.76 -17.55 17.36
CA ASP A 44 24.44 -17.75 18.64
C ASP A 44 25.96 -17.69 18.43
N VAL A 45 26.71 -18.17 19.42
CA VAL A 45 28.15 -18.32 19.29
C VAL A 45 28.55 -19.42 18.31
N GLU A 46 27.79 -20.52 18.28
CA GLU A 46 28.18 -21.70 17.50
C GLU A 46 27.19 -22.11 16.43
N THR A 47 25.99 -21.54 16.43
CA THR A 47 24.98 -21.90 15.42
C THR A 47 24.33 -20.69 14.76
N MET A 48 23.90 -20.91 13.54
CA MET A 48 23.33 -19.89 12.67
C MET A 48 21.87 -20.24 12.41
N GLY A 49 20.97 -19.28 12.61
CA GLY A 49 19.54 -19.45 12.29
C GLY A 49 19.25 -18.94 10.90
N LEU A 50 18.75 -19.82 10.03
CA LEU A 50 18.49 -19.49 8.63
C LEU A 50 17.04 -19.67 8.21
N MET A 51 16.54 -18.78 7.37
CA MET A 51 15.27 -18.99 6.69
CA MET A 51 15.26 -18.98 6.70
C MET A 51 15.58 -19.31 5.24
N ILE A 52 15.27 -20.54 4.83
CA ILE A 52 15.53 -20.98 3.46
C ILE A 52 14.19 -21.06 2.70
N ILE A 53 14.02 -20.20 1.71
CA ILE A 53 12.87 -20.25 0.83
C ILE A 53 13.27 -20.87 -0.52
N ILE A 54 12.64 -21.99 -0.86
CA ILE A 54 12.84 -22.68 -2.14
C ILE A 54 11.56 -22.62 -2.97
N GLU A 55 11.67 -22.19 -4.23
CA GLU A 55 10.55 -22.23 -5.13
C GLU A 55 10.92 -23.03 -6.38
N GLY A 56 9.91 -23.66 -6.97
CA GLY A 56 10.11 -24.41 -8.21
C GLY A 56 8.91 -25.20 -8.64
N THR A 57 9.17 -26.34 -9.28
CA THR A 57 8.12 -27.24 -9.73
C THR A 57 8.48 -28.66 -9.32
N SER A 58 7.49 -29.38 -8.78
CA SER A 58 7.69 -30.70 -8.17
C SER A 58 9.02 -30.80 -7.45
N LEU A 59 9.20 -29.92 -6.46
CA LEU A 59 10.36 -29.95 -5.58
C LEU A 59 10.36 -31.28 -4.82
N ASN A 60 11.51 -31.93 -4.77
CA ASN A 60 11.67 -33.16 -4.00
C ASN A 60 12.18 -32.88 -2.60
N PHE A 61 11.29 -32.89 -1.62
CA PHE A 61 11.62 -32.54 -0.23
C PHE A 61 12.65 -33.50 0.38
N ASP A 62 12.53 -34.79 0.06
CA ASP A 62 13.50 -35.76 0.53
C ASP A 62 14.93 -35.42 0.09
N ASP A 63 15.11 -35.04 -1.17
CA ASP A 63 16.44 -34.64 -1.65
C ASP A 63 16.92 -33.39 -0.91
N ILE A 64 16.04 -32.42 -0.75
CA ILE A 64 16.42 -31.17 -0.13
C ILE A 64 16.83 -31.44 1.31
N ARG A 65 16.02 -32.23 2.01
CA ARG A 65 16.32 -32.61 3.38
C ARG A 65 17.65 -33.37 3.46
N LYS A 66 17.86 -34.29 2.52
CA LYS A 66 19.10 -35.07 2.47
C LYS A 66 20.31 -34.14 2.30
N MET A 67 20.18 -33.18 1.39
CA MET A 67 21.26 -32.23 1.11
C MET A 67 21.59 -31.37 2.33
N LEU A 68 20.56 -30.90 3.03
CA LEU A 68 20.76 -30.08 4.21
C LEU A 68 21.46 -30.84 5.33
N GLU A 69 21.08 -32.09 5.56
CA GLU A 69 21.74 -32.92 6.54
C GLU A 69 23.22 -33.09 6.20
N GLU A 70 23.50 -33.45 4.94
CA GLU A 70 24.86 -33.63 4.47
C GLU A 70 25.73 -32.40 4.68
N GLU A 71 25.12 -31.21 4.57
CA GLU A 71 25.84 -29.96 4.75
C GLU A 71 25.84 -29.52 6.22
N GLY A 72 25.42 -30.39 7.12
CA GLY A 72 25.46 -30.12 8.55
C GLY A 72 24.28 -29.33 9.09
N CYS A 73 23.23 -29.21 8.31
CA CYS A 73 22.05 -28.45 8.73
C CYS A 73 20.98 -29.34 9.33
N ALA A 74 20.16 -28.73 10.19
CA ALA A 74 18.98 -29.36 10.74
C ALA A 74 17.77 -28.48 10.37
N ILE A 75 16.67 -29.13 9.99
CA ILE A 75 15.40 -28.45 9.83
C ILE A 75 14.70 -28.39 11.18
N HIS A 76 14.62 -27.20 11.75
CA HIS A 76 13.90 -27.00 12.98
C HIS A 76 12.38 -26.99 12.74
N SER A 77 11.99 -26.44 11.59
CA SER A 77 10.58 -26.29 11.28
C SER A 77 10.33 -26.04 9.80
N ILE A 78 9.33 -26.74 9.27
CA ILE A 78 8.78 -26.44 7.96
C ILE A 78 7.65 -25.43 8.21
N ASP A 79 7.91 -24.16 7.94
CA ASP A 79 6.96 -23.10 8.29
C ASP A 79 5.81 -22.96 7.32
N GLU A 80 6.08 -23.23 6.04
CA GLU A 80 5.08 -23.09 4.99
C GLU A 80 5.43 -24.03 3.85
N VAL A 81 4.41 -24.63 3.27
CA VAL A 81 4.57 -25.39 2.05
C VAL A 81 3.42 -25.04 1.12
N VAL A 82 3.71 -24.91 -0.17
CA VAL A 82 2.70 -24.67 -1.19
C VAL A 82 2.78 -25.75 -2.25
N SER A 83 1.63 -26.32 -2.60
CA SER A 83 1.59 -27.40 -3.56
C SER A 83 0.46 -27.22 -4.59
N GLY A 84 0.67 -27.72 -5.80
CA GLY A 84 -0.37 -27.72 -6.83
C GLY A 84 -0.04 -26.93 -8.08
N ASN A 85 -1.09 -26.62 -8.85
CA ASN A 85 -0.97 -26.02 -10.17
C ASN A 85 -0.54 -24.56 -10.10
N ARG A 86 -1.01 -23.86 -9.08
CA ARG A 86 -0.63 -22.47 -8.84
C ARG A 86 -0.35 -22.19 -7.36
N ILE A 87 0.35 -21.08 -7.13
CA ILE A 87 0.80 -20.66 -5.81
C ILE A 87 -0.32 -19.96 -5.06
N ILE A 88 -0.79 -20.57 -3.98
CA ILE A 88 -1.73 -19.92 -3.05
C ILE A 88 -0.90 -19.31 -1.90
N GLU A 89 -1.31 -18.13 -1.45
CA GLU A 89 -0.67 -17.49 -0.31
C GLU A 89 -1.39 -17.79 1.00
N GLY A 90 -0.73 -17.48 2.11
CA GLY A 90 -1.30 -17.67 3.45
C GLY A 90 -1.64 -16.36 4.15
N GLY B 1 21.57 -22.53 -16.20
CA GLY B 1 22.36 -22.62 -14.94
C GLY B 1 22.85 -21.23 -14.57
N MET B 2 22.08 -20.53 -13.73
CA MET B 2 22.31 -19.11 -13.42
C MET B 2 23.03 -18.86 -12.08
N ALA B 3 23.22 -19.93 -11.30
CA ALA B 3 24.01 -19.90 -10.07
C ALA B 3 23.59 -18.75 -9.13
N ILE B 4 24.55 -17.94 -8.67
CA ILE B 4 24.26 -16.92 -7.66
C ILE B 4 23.74 -15.63 -8.28
N ARG B 5 22.66 -15.13 -7.70
CA ARG B 5 21.97 -13.96 -8.21
C ARG B 5 22.05 -12.74 -7.34
N ARG B 6 22.03 -12.92 -6.02
CA ARG B 6 22.12 -11.80 -5.10
C ARG B 6 22.94 -12.18 -3.88
N LEU B 7 23.85 -11.28 -3.51
CA LEU B 7 24.60 -11.37 -2.26
C LEU B 7 24.39 -10.09 -1.45
N VAL B 8 24.02 -10.24 -0.19
CA VAL B 8 23.93 -9.10 0.73
C VAL B 8 25.00 -9.29 1.81
N LEU B 9 26.02 -8.44 1.80
CA LEU B 9 27.17 -8.59 2.69
C LEU B 9 27.26 -7.48 3.71
N ASP B 10 27.54 -7.85 4.96
CA ASP B 10 27.84 -6.90 6.03
C ASP B 10 29.36 -6.81 6.07
N VAL B 11 29.90 -5.65 5.71
CA VAL B 11 31.33 -5.53 5.49
C VAL B 11 31.95 -4.43 6.34
N LEU B 12 33.16 -4.69 6.84
CA LEU B 12 33.97 -3.74 7.58
C LEU B 12 35.08 -3.21 6.71
N LYS B 13 35.24 -1.89 6.71
CA LYS B 13 36.31 -1.25 5.94
C LYS B 13 36.97 -0.18 6.78
N PRO B 14 38.30 0.00 6.62
CA PRO B 14 38.96 1.12 7.28
C PRO B 14 38.38 2.45 6.80
N ILE B 15 38.16 3.37 7.73
CA ILE B 15 37.50 4.64 7.46
C ILE B 15 38.07 5.39 6.25
N ARG B 16 39.34 5.13 5.93
CA ARG B 16 39.93 5.63 4.71
C ARG B 16 40.82 4.59 4.05
N GLY B 17 41.05 4.80 2.76
CA GLY B 17 41.77 3.87 1.91
C GLY B 17 41.06 3.93 0.58
N THR B 18 40.62 2.78 0.09
CA THR B 18 39.78 2.75 -1.09
C THR B 18 38.43 3.33 -0.71
N SER B 19 38.03 4.42 -1.37
CA SER B 19 36.69 4.99 -1.17
C SER B 19 35.66 3.98 -1.64
N ILE B 20 34.47 4.08 -1.05
CA ILE B 20 33.40 3.13 -1.41
C ILE B 20 32.90 3.33 -2.84
N VAL B 21 33.15 4.50 -3.40
CA VAL B 21 32.83 4.74 -4.80
C VAL B 21 33.72 3.89 -5.71
N ASP B 22 35.04 3.98 -5.53
CA ASP B 22 35.97 3.16 -6.29
C ASP B 22 35.70 1.67 -6.05
N LEU B 23 35.33 1.33 -4.83
CA LEU B 23 35.04 -0.06 -4.47
C LEU B 23 33.81 -0.58 -5.21
N ALA B 24 32.76 0.23 -5.28
CA ALA B 24 31.54 -0.14 -5.98
C ALA B 24 31.82 -0.30 -7.47
N GLU B 25 32.66 0.58 -8.02
CA GLU B 25 32.96 0.53 -9.44
C GLU B 25 33.70 -0.75 -9.81
N ARG B 26 34.77 -1.10 -9.09
CA ARG B 26 35.50 -2.34 -9.35
C ARG B 26 34.54 -3.54 -9.31
N ILE B 27 33.79 -3.68 -8.22
CA ILE B 27 32.91 -4.82 -8.08
C ILE B 27 31.96 -4.90 -9.27
N SER B 28 31.44 -3.75 -9.72
CA SER B 28 30.48 -3.73 -10.82
C SER B 28 31.09 -4.19 -12.16
N LYS B 29 32.41 -4.19 -12.25
CA LYS B 29 33.09 -4.64 -13.47
C LYS B 29 33.34 -6.14 -13.50
N LEU B 30 33.06 -6.86 -12.41
CA LEU B 30 33.24 -8.32 -12.41
C LEU B 30 32.24 -9.00 -13.33
N ASP B 31 32.63 -10.17 -13.84
CA ASP B 31 31.77 -10.94 -14.75
C ASP B 31 30.49 -11.34 -14.04
N GLY B 32 29.36 -11.11 -14.70
CA GLY B 32 28.07 -11.51 -14.18
C GLY B 32 27.39 -10.48 -13.31
N VAL B 33 28.14 -9.51 -12.80
CA VAL B 33 27.58 -8.49 -11.93
C VAL B 33 26.79 -7.50 -12.75
N GLU B 34 25.53 -7.27 -12.38
CA GLU B 34 24.66 -6.33 -13.06
C GLU B 34 24.44 -5.05 -12.26
N GLY B 35 24.70 -5.11 -10.95
CA GLY B 35 24.54 -3.94 -10.12
C GLY B 35 25.11 -4.11 -8.74
N VAL B 36 25.67 -3.03 -8.18
CA VAL B 36 26.14 -2.99 -6.81
C VAL B 36 25.56 -1.82 -6.07
N ASN B 37 25.12 -2.04 -4.83
CA ASN B 37 24.70 -0.95 -3.96
C ASN B 37 25.50 -1.03 -2.66
N ILE B 38 26.34 -0.02 -2.42
CA ILE B 38 27.07 0.09 -1.16
C ILE B 38 26.50 1.24 -0.34
N SER B 39 26.08 0.97 0.88
CA SER B 39 25.63 2.04 1.76
C SER B 39 26.24 1.91 3.14
N VAL B 40 26.50 3.05 3.75
CA VAL B 40 27.12 3.10 5.08
C VAL B 40 26.03 2.89 6.14
N THR B 41 26.22 1.90 6.99
CA THR B 41 25.28 1.61 8.05
C THR B 41 25.70 2.29 9.35
N ASP B 42 27.00 2.27 9.64
CA ASP B 42 27.57 3.06 10.75
C ASP B 42 29.08 3.24 10.60
N MET B 43 29.67 4.04 11.48
CA MET B 43 31.14 4.15 11.52
C MET B 43 31.73 4.59 12.86
N ASP B 44 32.76 3.85 13.27
CA ASP B 44 33.59 4.19 14.42
C ASP B 44 34.57 5.29 14.03
N VAL B 45 35.58 5.50 14.87
CA VAL B 45 36.68 6.41 14.56
C VAL B 45 37.56 5.91 13.42
N GLU B 46 37.81 4.60 13.35
CA GLU B 46 38.77 4.04 12.39
C GLU B 46 38.20 3.04 11.38
N THR B 47 36.95 2.61 11.59
CA THR B 47 36.32 1.64 10.69
C THR B 47 34.93 2.07 10.25
N MET B 48 34.56 1.61 9.07
CA MET B 48 33.32 1.94 8.41
C MET B 48 32.51 0.64 8.32
N GLY B 49 31.23 0.69 8.71
CA GLY B 49 30.30 -0.43 8.53
C GLY B 49 29.50 -0.26 7.25
N LEU B 50 29.60 -1.24 6.35
CA LEU B 50 28.96 -1.17 5.02
C LEU B 50 27.99 -2.33 4.77
N MET B 51 26.88 -2.04 4.10
CA MET B 51 26.02 -3.10 3.53
CA MET B 51 26.04 -3.11 3.54
C MET B 51 26.25 -3.08 2.03
N ILE B 52 26.80 -4.15 1.50
CA ILE B 52 27.07 -4.26 0.06
C ILE B 52 26.10 -5.26 -0.55
N ILE B 53 25.20 -4.76 -1.41
CA ILE B 53 24.28 -5.61 -2.15
C ILE B 53 24.77 -5.75 -3.58
N ILE B 54 25.05 -6.97 -3.99
CA ILE B 54 25.46 -7.30 -5.36
C ILE B 54 24.39 -8.15 -6.04
N GLU B 55 23.96 -7.76 -7.23
CA GLU B 55 23.04 -8.58 -8.02
C GLU B 55 23.63 -8.90 -9.39
N GLY B 56 23.28 -10.05 -9.93
CA GLY B 56 23.72 -10.42 -11.25
C GLY B 56 23.35 -11.82 -11.64
N THR B 57 24.22 -12.45 -12.42
CA THR B 57 24.05 -13.83 -12.88
C THR B 57 25.36 -14.58 -12.68
N SER B 58 25.26 -15.80 -12.13
CA SER B 58 26.41 -16.61 -11.71
C SER B 58 27.54 -15.75 -11.13
N LEU B 59 27.21 -15.02 -10.07
CA LEU B 59 28.19 -14.21 -9.35
C LEU B 59 29.22 -15.15 -8.75
N ASN B 60 30.49 -14.80 -8.90
CA ASN B 60 31.57 -15.57 -8.32
C ASN B 60 31.96 -15.01 -6.96
N PHE B 61 31.50 -15.67 -5.90
CA PHE B 61 31.73 -15.18 -4.54
C PHE B 61 33.22 -15.14 -4.18
N ASP B 62 33.97 -16.14 -4.64
CA ASP B 62 35.42 -16.16 -4.39
C ASP B 62 36.08 -14.91 -4.91
N ASP B 63 35.76 -14.51 -6.14
CA ASP B 63 36.33 -13.29 -6.72
C ASP B 63 35.94 -12.07 -5.90
N ILE B 64 34.67 -11.99 -5.53
CA ILE B 64 34.17 -10.83 -4.80
C ILE B 64 34.86 -10.76 -3.46
N ARG B 65 34.94 -11.90 -2.78
CA ARG B 65 35.64 -11.97 -1.50
C ARG B 65 37.12 -11.59 -1.63
N LYS B 66 37.76 -12.07 -2.70
CA LYS B 66 39.17 -11.77 -2.96
C LYS B 66 39.37 -10.28 -3.15
N MET B 67 38.46 -9.66 -3.90
CA MET B 67 38.53 -8.23 -4.19
C MET B 67 38.35 -7.38 -2.92
N LEU B 68 37.41 -7.78 -2.07
CA LEU B 68 37.17 -7.06 -0.81
C LEU B 68 38.37 -7.12 0.14
N GLU B 69 39.01 -8.30 0.24
CA GLU B 69 40.20 -8.45 1.07
C GLU B 69 41.30 -7.54 0.56
N GLU B 70 41.55 -7.57 -0.74
CA GLU B 70 42.58 -6.75 -1.36
C GLU B 70 42.37 -5.26 -1.12
N GLU B 71 41.11 -4.84 -1.02
CA GLU B 71 40.79 -3.44 -0.76
C GLU B 71 40.71 -3.12 0.74
N GLY B 72 41.14 -4.06 1.57
CA GLY B 72 41.20 -3.84 3.01
C GLY B 72 39.91 -4.11 3.75
N CYS B 73 38.94 -4.76 3.09
CA CYS B 73 37.67 -5.05 3.71
C CYS B 73 37.61 -6.45 4.31
N ALA B 74 36.73 -6.60 5.29
CA ALA B 74 36.41 -7.90 5.87
C ALA B 74 34.90 -8.13 5.75
N ILE B 75 34.51 -9.35 5.41
CA ILE B 75 33.12 -9.73 5.45
C ILE B 75 32.79 -10.20 6.86
N HIS B 76 32.00 -9.41 7.57
CA HIS B 76 31.52 -9.78 8.88
C HIS B 76 30.42 -10.84 8.77
N SER B 77 29.58 -10.70 7.76
CA SER B 77 28.43 -11.58 7.61
C SER B 77 27.85 -11.57 6.19
N ILE B 78 27.54 -12.75 5.69
CA ILE B 78 26.73 -12.90 4.48
C ILE B 78 25.29 -12.97 4.95
N ASP B 79 24.56 -11.87 4.84
CA ASP B 79 23.20 -11.76 5.41
C ASP B 79 22.14 -12.44 4.55
N GLU B 80 22.34 -12.45 3.23
CA GLU B 80 21.36 -13.03 2.30
C GLU B 80 22.08 -13.43 1.03
N VAL B 81 21.68 -14.57 0.48
CA VAL B 81 22.13 -14.99 -0.83
C VAL B 81 20.92 -15.50 -1.59
N VAL B 82 20.86 -15.20 -2.87
CA VAL B 82 19.83 -15.74 -3.76
C VAL B 82 20.46 -16.44 -4.94
N SER B 83 19.98 -17.64 -5.24
CA SER B 83 20.56 -18.44 -6.32
C SER B 83 19.48 -19.06 -7.18
N GLY B 84 19.79 -19.25 -8.46
CA GLY B 84 18.90 -19.98 -9.37
C GLY B 84 18.41 -19.18 -10.56
N ASN B 85 17.33 -19.66 -11.16
CA ASN B 85 16.81 -19.13 -12.42
C ASN B 85 16.16 -17.77 -12.24
N ARG B 86 15.59 -17.53 -11.07
CA ARG B 86 15.04 -16.23 -10.77
C ARG B 86 15.28 -15.82 -9.32
N ILE B 87 15.15 -14.51 -9.08
CA ILE B 87 15.18 -13.93 -7.75
C ILE B 87 13.91 -14.30 -6.99
N ILE B 88 14.09 -14.93 -5.83
CA ILE B 88 13.02 -15.13 -4.86
C ILE B 88 13.32 -14.18 -3.71
N GLU B 89 12.30 -13.55 -3.14
CA GLU B 89 12.48 -12.64 -2.01
C GLU B 89 12.21 -13.34 -0.66
N GLY B 90 12.87 -12.86 0.39
CA GLY B 90 12.62 -13.31 1.76
C GLY B 90 11.42 -12.63 2.38
N GLY C 1 29.11 -0.86 -20.03
CA GLY C 1 29.92 -0.26 -18.95
C GLY C 1 29.29 1.08 -18.56
N MET C 2 28.51 1.06 -17.47
CA MET C 2 27.72 2.21 -17.04
C MET C 2 28.28 2.89 -15.79
N ALA C 3 29.30 2.26 -15.17
CA ALA C 3 29.99 2.82 -14.00
C ALA C 3 29.00 3.33 -12.94
N ILE C 4 29.20 4.53 -12.40
CA ILE C 4 28.39 4.99 -11.27
C ILE C 4 27.03 5.59 -11.66
N ARG C 5 26.01 5.17 -10.93
CA ARG C 5 24.62 5.51 -11.23
C ARG C 5 23.96 6.38 -10.19
N ARG C 6 24.29 6.19 -8.92
CA ARG C 6 23.71 6.97 -7.85
C ARG C 6 24.75 7.27 -6.77
N LEU C 7 24.77 8.54 -6.35
CA LEU C 7 25.58 8.99 -5.21
C LEU C 7 24.65 9.66 -4.22
N VAL C 8 24.75 9.27 -2.96
CA VAL C 8 24.04 9.96 -1.86
C VAL C 8 25.11 10.57 -0.96
N LEU C 9 25.18 11.90 -0.93
CA LEU C 9 26.22 12.60 -0.18
C LEU C 9 25.65 13.42 0.98
N ASP C 10 26.31 13.31 2.12
CA ASP C 10 26.02 14.13 3.30
C ASP C 10 26.99 15.31 3.21
N VAL C 11 26.48 16.50 2.99
CA VAL C 11 27.32 17.63 2.63
C VAL C 11 27.12 18.82 3.57
N LEU C 12 28.22 19.48 3.89
CA LEU C 12 28.22 20.69 4.71
C LEU C 12 28.45 21.91 3.83
N LYS C 13 27.63 22.93 4.00
CA LYS C 13 27.75 24.15 3.24
C LYS C 13 27.59 25.35 4.18
N PRO C 14 28.34 26.44 3.95
CA PRO C 14 28.09 27.66 4.70
C PRO C 14 26.66 28.14 4.47
N ILE C 15 26.03 28.62 5.54
CA ILE C 15 24.62 29.02 5.53
C ILE C 15 24.28 30.00 4.39
N ARG C 16 25.25 30.75 3.94
CA ARG C 16 25.09 31.56 2.74
C ARG C 16 26.30 31.50 1.83
N GLY C 17 26.09 31.87 0.57
CA GLY C 17 27.10 31.78 -0.45
C GLY C 17 26.34 31.36 -1.67
N THR C 18 26.78 30.27 -2.30
CA THR C 18 26.03 29.69 -3.37
C THR C 18 24.75 29.09 -2.78
N SER C 19 23.59 29.55 -3.25
CA SER C 19 22.32 28.96 -2.86
C SER C 19 22.25 27.53 -3.37
N ILE C 20 21.47 26.70 -2.67
CA ILE C 20 21.38 25.29 -3.04
C ILE C 20 20.64 25.13 -4.36
N VAL C 21 19.86 26.13 -4.75
CA VAL C 21 19.21 26.11 -6.06
C VAL C 21 20.28 26.17 -7.16
N ASP C 22 21.14 27.19 -7.11
CA ASP C 22 22.23 27.32 -8.08
C ASP C 22 23.14 26.09 -8.06
N LEU C 23 23.38 25.57 -6.86
CA LEU C 23 24.22 24.39 -6.70
C LEU C 23 23.60 23.17 -7.39
N ALA C 24 22.31 22.97 -7.20
CA ALA C 24 21.60 21.87 -7.83
C ALA C 24 21.63 22.00 -9.34
N GLU C 25 21.45 23.22 -9.84
CA GLU C 25 21.44 23.45 -11.28
C GLU C 25 22.81 23.09 -11.88
N ARG C 26 23.87 23.51 -11.21
CA ARG C 26 25.19 23.36 -11.75
C ARG C 26 25.54 21.89 -11.84
N ILE C 27 25.28 21.16 -10.76
CA ILE C 27 25.54 19.73 -10.75
C ILE C 27 24.73 19.01 -11.83
N SER C 28 23.48 19.45 -12.06
CA SER C 28 22.62 18.79 -13.04
C SER C 28 23.13 18.94 -14.47
N LYS C 29 24.01 19.91 -14.71
CA LYS C 29 24.57 20.15 -16.04
C LYS C 29 25.82 19.32 -16.32
N LEU C 30 26.32 18.57 -15.33
CA LEU C 30 27.48 17.69 -15.57
C LEU C 30 27.13 16.53 -16.49
N ASP C 31 28.13 16.05 -17.24
CA ASP C 31 27.96 14.92 -18.15
C ASP C 31 27.51 13.66 -17.40
N GLY C 32 26.45 13.05 -17.89
CA GLY C 32 25.96 11.82 -17.31
C GLY C 32 24.91 12.02 -16.24
N VAL C 33 24.83 13.21 -15.66
CA VAL C 33 23.86 13.47 -14.60
C VAL C 33 22.45 13.60 -15.19
N GLU C 34 21.52 12.82 -14.66
CA GLU C 34 20.13 12.85 -15.10
C GLU C 34 19.21 13.54 -14.12
N GLY C 35 19.64 13.63 -12.86
CA GLY C 35 18.85 14.29 -11.83
C GLY C 35 19.60 14.54 -10.55
N VAL C 36 19.31 15.66 -9.92
CA VAL C 36 19.85 15.99 -8.60
C VAL C 36 18.72 16.36 -7.63
N ASN C 37 18.80 15.85 -6.40
CA ASN C 37 17.90 16.25 -5.34
C ASN C 37 18.73 16.73 -4.15
N ILE C 38 18.60 18.01 -3.84
CA ILE C 38 19.25 18.58 -2.65
C ILE C 38 18.17 18.89 -1.63
N SER C 39 18.31 18.37 -0.42
CA SER C 39 17.41 18.76 0.65
C SER C 39 18.18 19.10 1.94
N VAL C 40 17.64 20.05 2.68
CA VAL C 40 18.25 20.46 3.92
C VAL C 40 17.84 19.49 5.01
N THR C 41 18.83 18.93 5.70
CA THR C 41 18.58 18.01 6.81
C THR C 41 18.61 18.75 8.16
N ASP C 42 19.56 19.66 8.30
CA ASP C 42 19.60 20.56 9.46
C ASP C 42 20.48 21.79 9.21
N MET C 43 20.45 22.74 10.14
CA MET C 43 21.35 23.89 10.06
C MET C 43 21.66 24.56 11.39
N ASP C 44 22.96 24.79 11.60
CA ASP C 44 23.49 25.59 12.69
C ASP C 44 23.31 27.08 12.37
N VAL C 45 24.01 27.92 13.13
CA VAL C 45 24.06 29.36 12.87
C VAL C 45 24.82 29.71 11.60
N GLU C 46 25.90 28.99 11.30
CA GLU C 46 26.77 29.34 10.18
C GLU C 46 26.92 28.26 9.10
N THR C 47 26.42 27.05 9.35
CA THR C 47 26.53 25.97 8.37
C THR C 47 25.20 25.27 8.13
N MET C 48 25.07 24.73 6.93
CA MET C 48 23.87 24.07 6.45
C MET C 48 24.22 22.60 6.23
N GLY C 49 23.38 21.69 6.74
CA GLY C 49 23.52 20.25 6.49
C GLY C 49 22.63 19.82 5.34
N LEU C 50 23.25 19.26 4.29
CA LEU C 50 22.54 18.90 3.05
C LEU C 50 22.69 17.42 2.70
N MET C 51 21.62 16.81 2.20
CA MET C 51 21.67 15.50 1.57
CA MET C 51 21.71 15.50 1.58
C MET C 51 21.54 15.71 0.08
N ILE C 52 22.59 15.39 -0.66
CA ILE C 52 22.59 15.55 -2.10
C ILE C 52 22.53 14.18 -2.77
N ILE C 53 21.42 13.91 -3.45
CA ILE C 53 21.26 12.70 -4.24
C ILE C 53 21.45 13.01 -5.73
N ILE C 54 22.45 12.37 -6.34
CA ILE C 54 22.72 12.51 -7.76
C ILE C 54 22.48 11.17 -8.44
N GLU C 55 21.71 11.16 -9.52
CA GLU C 55 21.52 9.95 -10.32
C GLU C 55 21.90 10.22 -11.78
N GLY C 56 22.38 9.18 -12.46
CA GLY C 56 22.74 9.30 -13.85
C GLY C 56 23.44 8.08 -14.40
N THR C 57 24.32 8.32 -15.36
CA THR C 57 25.11 7.27 -15.98
C THR C 57 26.58 7.68 -16.05
N SER C 58 27.45 6.76 -15.66
CA SER C 58 28.88 7.03 -15.48
C SER C 58 29.13 8.42 -14.90
N LEU C 59 28.58 8.64 -13.72
CA LEU C 59 28.80 9.89 -12.97
C LEU C 59 30.26 9.99 -12.62
N ASN C 60 30.85 11.17 -12.83
CA ASN C 60 32.24 11.40 -12.49
C ASN C 60 32.36 12.04 -11.11
N PHE C 61 32.71 11.21 -10.12
CA PHE C 61 32.76 11.67 -8.72
C PHE C 61 33.81 12.76 -8.50
N ASP C 62 34.94 12.65 -9.18
CA ASP C 62 35.97 13.66 -9.08
C ASP C 62 35.43 15.03 -9.48
N ASP C 63 34.71 15.11 -10.60
CA ASP C 63 34.13 16.38 -11.04
C ASP C 63 33.14 16.90 -10.02
N ILE C 64 32.27 16.02 -9.53
CA ILE C 64 31.23 16.43 -8.58
C ILE C 64 31.89 16.94 -7.32
N ARG C 65 32.87 16.22 -6.85
CA ARG C 65 33.62 16.65 -5.67
C ARG C 65 34.30 17.99 -5.92
N LYS C 66 34.89 18.16 -7.10
CA LYS C 66 35.57 19.39 -7.45
C LYS C 66 34.59 20.56 -7.44
N MET C 67 33.40 20.34 -7.99
CA MET C 67 32.39 21.36 -8.09
C MET C 67 31.89 21.79 -6.70
N LEU C 68 31.67 20.81 -5.82
CA LEU C 68 31.21 21.08 -4.48
C LEU C 68 32.23 21.89 -3.66
N GLU C 69 33.51 21.56 -3.79
CA GLU C 69 34.56 22.32 -3.12
C GLU C 69 34.56 23.76 -3.61
N GLU C 70 34.53 23.95 -4.93
CA GLU C 70 34.51 25.28 -5.52
C GLU C 70 33.35 26.14 -5.05
N GLU C 71 32.21 25.50 -4.77
CA GLU C 71 31.03 26.20 -4.27
C GLU C 71 31.01 26.32 -2.75
N GLY C 72 32.14 26.00 -2.10
CA GLY C 72 32.26 26.16 -0.66
C GLY C 72 31.71 25.00 0.16
N CYS C 73 31.44 23.86 -0.49
CA CYS C 73 30.89 22.71 0.22
C CYS C 73 31.97 21.71 0.64
N ALA C 74 31.66 20.94 1.67
CA ALA C 74 32.47 19.82 2.07
C ALA C 74 31.60 18.56 2.07
N ILE C 75 32.17 17.45 1.62
CA ILE C 75 31.51 16.17 1.74
C ILE C 75 31.85 15.58 3.10
N HIS C 76 30.87 15.49 3.98
CA HIS C 76 31.06 14.87 5.28
C HIS C 76 31.08 13.36 5.15
N SER C 77 30.25 12.84 4.24
CA SER C 77 30.07 11.41 4.09
C SER C 77 29.44 11.05 2.75
N ILE C 78 29.98 10.01 2.11
CA ILE C 78 29.34 9.35 0.98
C ILE C 78 28.49 8.23 1.59
N ASP C 79 27.19 8.44 1.68
CA ASP C 79 26.30 7.50 2.39
C ASP C 79 25.93 6.27 1.58
N GLU C 80 25.85 6.44 0.26
CA GLU C 80 25.46 5.35 -0.64
C GLU C 80 26.02 5.63 -2.01
N VAL C 81 26.46 4.57 -2.68
CA VAL C 81 26.83 4.64 -4.08
C VAL C 81 26.28 3.40 -4.79
N VAL C 82 25.77 3.61 -5.99
CA VAL C 82 25.32 2.52 -6.83
C VAL C 82 26.07 2.53 -8.16
N SER C 83 26.56 1.37 -8.55
CA SER C 83 27.33 1.25 -9.78
C SER C 83 26.90 0.06 -10.61
N GLY C 84 27.03 0.19 -11.93
CA GLY C 84 26.79 -0.91 -12.85
C GLY C 84 25.67 -0.71 -13.86
N ASN C 85 25.18 -1.81 -14.42
CA ASN C 85 24.22 -1.79 -15.52
C ASN C 85 22.82 -1.34 -15.11
N ARG C 86 22.43 -1.54 -13.86
CA ARG C 86 21.13 -1.06 -13.37
C ARG C 86 21.18 -0.64 -11.89
N ILE C 87 20.14 0.09 -11.47
CA ILE C 87 20.07 0.63 -10.12
C ILE C 87 19.58 -0.41 -9.14
N ILE C 88 20.45 -0.81 -8.22
CA ILE C 88 20.11 -1.70 -7.11
C ILE C 88 19.77 -0.87 -5.87
N GLU C 89 18.68 -1.26 -5.18
CA GLU C 89 18.28 -0.57 -3.93
C GLU C 89 18.82 -1.24 -2.66
N GLY C 90 18.82 -0.47 -1.56
CA GLY C 90 19.13 -0.96 -0.21
C GLY C 90 17.98 -1.69 0.46
N GLY D 1 18.86 21.26 -21.66
CA GLY D 1 19.12 21.17 -20.19
C GLY D 1 17.97 21.78 -19.40
N MET D 2 17.26 20.99 -18.61
CA MET D 2 15.99 21.46 -18.05
C MET D 2 16.03 22.05 -16.65
N ALA D 3 17.23 22.07 -16.05
CA ALA D 3 17.51 22.92 -14.89
C ALA D 3 16.55 22.62 -13.74
N ILE D 4 16.08 23.63 -13.02
CA ILE D 4 15.27 23.38 -11.82
C ILE D 4 13.85 22.90 -12.17
N ARG D 5 13.50 21.76 -11.59
CA ARG D 5 12.24 21.06 -11.85
C ARG D 5 11.26 21.07 -10.69
N ARG D 6 11.79 21.02 -9.47
CA ARG D 6 10.95 21.07 -8.29
C ARG D 6 11.58 21.89 -7.20
N LEU D 7 10.77 22.76 -6.58
CA LEU D 7 11.14 23.49 -5.39
C LEU D 7 10.12 23.24 -4.29
N VAL D 8 10.59 22.84 -3.11
CA VAL D 8 9.74 22.70 -1.93
C VAL D 8 10.18 23.75 -0.94
N LEU D 9 9.30 24.73 -0.69
CA LEU D 9 9.64 25.87 0.17
C LEU D 9 8.82 25.90 1.46
N ASP D 10 9.50 26.15 2.58
CA ASP D 10 8.85 26.40 3.86
C ASP D 10 8.75 27.92 3.99
N VAL D 11 7.53 28.44 3.92
CA VAL D 11 7.31 29.87 3.78
C VAL D 11 6.45 30.44 4.91
N LEU D 12 6.82 31.64 5.35
CA LEU D 12 6.07 32.41 6.33
C LEU D 12 5.29 33.51 5.65
N LYS D 13 4.01 33.63 5.98
CA LYS D 13 3.18 34.69 5.44
C LYS D 13 2.34 35.32 6.56
N PRO D 14 2.12 36.65 6.51
CA PRO D 14 1.18 37.27 7.44
C PRO D 14 -0.21 36.66 7.28
N ILE D 15 -0.88 36.41 8.42
CA ILE D 15 -2.17 35.72 8.46
C ILE D 15 -3.22 36.30 7.51
N ARG D 16 -3.06 37.57 7.17
CA ARG D 16 -3.87 38.17 6.11
C ARG D 16 -3.04 39.09 5.22
N GLY D 17 -3.59 39.35 4.04
CA GLY D 17 -2.92 40.11 3.00
C GLY D 17 -3.31 39.43 1.71
N THR D 18 -2.32 39.04 0.93
CA THR D 18 -2.55 38.22 -0.24
C THR D 18 -3.02 36.85 0.25
N SER D 19 -4.22 36.44 -0.15
CA SER D 19 -4.67 35.08 0.14
C SER D 19 -3.76 34.08 -0.58
N ILE D 20 -3.67 32.86 -0.04
CA ILE D 20 -2.82 31.85 -0.65
C ILE D 20 -3.35 31.40 -2.00
N VAL D 21 -4.65 31.59 -2.24
CA VAL D 21 -5.24 31.28 -3.53
C VAL D 21 -4.64 32.22 -4.59
N ASP D 22 -4.74 33.53 -4.36
CA ASP D 22 -4.17 34.49 -5.29
C ASP D 22 -2.67 34.29 -5.46
N LEU D 23 -2.01 33.89 -4.37
CA LEU D 23 -0.58 33.63 -4.39
C LEU D 23 -0.23 32.42 -5.26
N ALA D 24 -1.00 31.36 -5.12
CA ALA D 24 -0.82 30.15 -5.93
C ALA D 24 -1.03 30.46 -7.39
N GLU D 25 -2.05 31.26 -7.70
CA GLU D 25 -2.36 31.61 -9.08
C GLU D 25 -1.22 32.39 -9.71
N ARG D 26 -0.70 33.39 -9.02
CA ARG D 26 0.37 34.21 -9.61
C ARG D 26 1.60 33.37 -9.89
N ILE D 27 1.99 32.54 -8.93
CA ILE D 27 3.17 31.70 -9.13
C ILE D 27 2.97 30.78 -10.33
N SER D 28 1.75 30.25 -10.49
CA SER D 28 1.47 29.31 -11.57
C SER D 28 1.56 29.94 -12.95
N LYS D 29 1.51 31.27 -13.01
CA LYS D 29 1.61 31.99 -14.28
C LYS D 29 3.06 32.28 -14.69
N LEU D 30 4.03 32.01 -13.82
CA LEU D 30 5.43 32.24 -14.19
C LEU D 30 5.86 31.27 -15.29
N ASP D 31 6.83 31.71 -16.09
CA ASP D 31 7.40 30.89 -17.18
C ASP D 31 8.02 29.62 -16.64
N GLY D 32 7.65 28.49 -17.24
CA GLY D 32 8.22 27.20 -16.86
C GLY D 32 7.44 26.48 -15.78
N VAL D 33 6.62 27.18 -15.01
CA VAL D 33 5.85 26.56 -13.94
C VAL D 33 4.72 25.74 -14.53
N GLU D 34 4.62 24.49 -14.10
CA GLU D 34 3.54 23.61 -14.55
C GLU D 34 2.52 23.35 -13.46
N GLY D 35 2.88 23.58 -12.21
CA GLY D 35 1.98 23.35 -11.10
C GLY D 35 2.50 23.89 -9.79
N VAL D 36 1.58 24.39 -8.97
CA VAL D 36 1.89 24.85 -7.62
C VAL D 36 0.93 24.22 -6.63
N ASN D 37 1.46 23.77 -5.50
CA ASN D 37 0.64 23.30 -4.37
C ASN D 37 1.02 24.09 -3.15
N ILE D 38 0.09 24.89 -2.63
CA ILE D 38 0.30 25.58 -1.36
C ILE D 38 -0.61 24.96 -0.32
N SER D 39 -0.03 24.53 0.81
CA SER D 39 -0.84 24.02 1.91
C SER D 39 -0.38 24.63 3.23
N VAL D 40 -1.32 24.84 4.13
CA VAL D 40 -1.04 25.40 5.43
C VAL D 40 -0.54 24.31 6.36
N THR D 41 0.64 24.52 6.94
CA THR D 41 1.22 23.55 7.88
C THR D 41 0.87 23.91 9.32
N ASP D 42 0.94 25.20 9.64
CA ASP D 42 0.46 25.75 10.93
C ASP D 42 0.23 27.26 10.90
N MET D 43 -0.36 27.81 11.95
CA MET D 43 -0.49 29.26 12.05
C MET D 43 -0.58 29.79 13.47
N ASP D 44 0.20 30.84 13.72
CA ASP D 44 0.15 31.63 14.96
C ASP D 44 -1.05 32.58 14.91
N VAL D 45 -1.05 33.58 15.78
CA VAL D 45 -2.03 34.67 15.74
C VAL D 45 -1.87 35.59 14.53
N GLU D 46 -0.62 35.87 14.14
CA GLU D 46 -0.34 36.86 13.09
C GLU D 46 0.39 36.33 11.87
N THR D 47 0.90 35.10 11.93
CA THR D 47 1.60 34.53 10.78
C THR D 47 1.12 33.13 10.42
N MET D 48 1.26 32.80 9.14
CA MET D 48 0.80 31.57 8.55
C MET D 48 2.04 30.80 8.09
N GLY D 49 2.13 29.52 8.45
CA GLY D 49 3.19 28.62 7.98
C GLY D 49 2.73 27.83 6.76
N LEU D 50 3.43 27.99 5.64
CA LEU D 50 3.04 27.39 4.35
C LEU D 50 4.11 26.47 3.78
N MET D 51 3.69 25.37 3.17
CA MET D 51 4.58 24.56 2.32
C MET D 51 4.17 24.80 0.89
N ILE D 52 5.09 25.38 0.13
CA ILE D 52 4.84 25.69 -1.28
C ILE D 52 5.66 24.75 -2.16
N ILE D 53 4.97 23.87 -2.87
CA ILE D 53 5.61 22.98 -3.83
C ILE D 53 5.40 23.47 -5.24
N ILE D 54 6.48 23.82 -5.92
CA ILE D 54 6.43 24.27 -7.32
C ILE D 54 7.13 23.24 -8.21
N GLU D 55 6.45 22.83 -9.29
CA GLU D 55 7.07 21.96 -10.28
C GLU D 55 7.00 22.59 -11.66
N GLY D 56 7.97 22.28 -12.49
CA GLY D 56 8.00 22.77 -13.86
C GLY D 56 9.28 22.44 -14.58
N THR D 57 9.66 23.33 -15.49
CA THR D 57 10.88 23.21 -16.26
C THR D 57 11.63 24.52 -16.23
N SER D 58 12.94 24.44 -16.03
CA SER D 58 13.78 25.61 -15.80
C SER D 58 13.05 26.70 -15.00
N LEU D 59 12.65 26.33 -13.79
CA LEU D 59 12.04 27.27 -12.85
C LEU D 59 13.06 28.33 -12.47
N ASN D 60 12.65 29.60 -12.53
CA ASN D 60 13.51 30.70 -12.12
C ASN D 60 13.29 31.04 -10.63
N PHE D 61 14.21 30.58 -9.79
CA PHE D 61 14.07 30.76 -8.35
C PHE D 61 14.09 32.25 -7.96
N ASP D 62 14.93 33.04 -8.62
CA ASP D 62 14.98 34.47 -8.34
C ASP D 62 13.60 35.10 -8.51
N ASP D 63 12.92 34.80 -9.61
CA ASP D 63 11.59 35.36 -9.86
C ASP D 63 10.61 34.92 -8.78
N ILE D 64 10.66 33.64 -8.43
CA ILE D 64 9.74 33.10 -7.43
C ILE D 64 9.96 33.79 -6.09
N ARG D 65 11.23 33.91 -5.69
CA ARG D 65 11.61 34.61 -4.47
C ARG D 65 11.15 36.07 -4.50
N LYS D 66 11.34 36.73 -5.64
CA LYS D 66 10.94 38.13 -5.79
C LYS D 66 9.43 38.27 -5.57
N MET D 67 8.66 37.37 -6.16
CA MET D 67 7.22 37.39 -6.06
C MET D 67 6.74 37.20 -4.61
N LEU D 68 7.36 36.27 -3.90
CA LEU D 68 7.02 36.01 -2.51
C LEU D 68 7.31 37.21 -1.60
N GLU D 69 8.43 37.89 -1.81
CA GLU D 69 8.75 39.09 -1.05
C GLU D 69 7.71 40.16 -1.29
N GLU D 70 7.39 40.40 -2.55
CA GLU D 70 6.40 41.42 -2.94
C GLU D 70 5.04 41.15 -2.30
N GLU D 71 4.70 39.88 -2.11
CA GLU D 71 3.43 39.52 -1.50
C GLU D 71 3.50 39.45 0.02
N GLY D 72 4.62 39.90 0.59
CA GLY D 72 4.77 39.96 2.04
C GLY D 72 5.28 38.67 2.67
N CYS D 73 5.76 37.74 1.86
CA CYS D 73 6.24 36.46 2.39
C CYS D 73 7.74 36.45 2.63
N ALA D 74 8.17 35.56 3.51
CA ALA D 74 9.57 35.29 3.74
C ALA D 74 9.80 33.79 3.54
N ILE D 75 10.92 33.43 2.90
CA ILE D 75 11.33 32.05 2.82
C ILE D 75 12.15 31.73 4.05
N HIS D 76 11.60 30.91 4.92
CA HIS D 76 12.32 30.45 6.10
C HIS D 76 13.34 29.38 5.72
N SER D 77 12.98 28.54 4.76
CA SER D 77 13.82 27.43 4.37
C SER D 77 13.44 26.88 3.00
N ILE D 78 14.45 26.58 2.19
CA ILE D 78 14.31 25.78 1.00
C ILE D 78 14.56 24.34 1.44
N ASP D 79 13.48 23.56 1.60
CA ASP D 79 13.58 22.21 2.15
C ASP D 79 14.06 21.17 1.14
N GLU D 80 13.71 21.35 -0.11
CA GLU D 80 14.07 20.43 -1.16
C GLU D 80 14.13 21.16 -2.49
N VAL D 81 15.10 20.80 -3.31
CA VAL D 81 15.15 21.26 -4.69
C VAL D 81 15.54 20.09 -5.60
N VAL D 82 14.87 19.98 -6.73
CA VAL D 82 15.17 18.94 -7.72
C VAL D 82 15.51 19.59 -9.05
N SER D 83 16.61 19.13 -9.65
CA SER D 83 17.08 19.74 -10.89
C SER D 83 17.50 18.67 -11.90
N GLY D 84 17.37 18.99 -13.18
CA GLY D 84 17.82 18.11 -14.25
C GLY D 84 16.75 17.57 -15.18
N ASN D 85 17.10 16.51 -15.88
CA ASN D 85 16.27 15.96 -16.96
C ASN D 85 15.06 15.20 -16.44
N ARG D 86 15.25 14.50 -15.32
CA ARG D 86 14.15 13.85 -14.61
C ARG D 86 14.14 14.19 -13.11
N ILE D 87 12.96 14.03 -12.51
CA ILE D 87 12.75 14.21 -11.08
C ILE D 87 13.37 13.05 -10.29
N ILE D 88 14.31 13.35 -9.41
CA ILE D 88 14.80 12.38 -8.44
C ILE D 88 14.13 12.69 -7.09
N GLU D 89 13.72 11.65 -6.37
CA GLU D 89 13.16 11.85 -5.03
C GLU D 89 14.21 11.68 -3.93
N GLY D 90 13.86 12.16 -2.73
CA GLY D 90 14.72 12.06 -1.57
C GLY D 90 14.51 10.76 -0.81
N LYS D 91 15.46 10.45 0.06
CA LYS D 91 15.44 9.20 0.85
C LYS D 91 14.33 9.21 1.90
N GLY E 1 -3.65 28.96 -20.58
CA GLY E 1 -3.76 29.49 -19.19
C GLY E 1 -4.88 28.72 -18.45
N MET E 2 -4.68 28.43 -17.16
CA MET E 2 -5.45 27.38 -16.44
C MET E 2 -5.78 27.63 -14.95
N ALA E 3 -4.90 28.36 -14.26
CA ALA E 3 -5.15 28.91 -12.93
C ALA E 3 -5.53 27.87 -11.87
N ILE E 4 -6.50 28.21 -11.02
CA ILE E 4 -6.80 27.39 -9.84
C ILE E 4 -7.49 26.09 -10.22
N ARG E 5 -6.95 24.98 -9.72
CA ARG E 5 -7.43 23.63 -10.04
C ARG E 5 -8.07 22.93 -8.89
N ARG E 6 -7.58 23.16 -7.68
CA ARG E 6 -8.17 22.56 -6.48
C ARG E 6 -8.16 23.53 -5.32
N LEU E 7 -9.29 23.61 -4.62
CA LEU E 7 -9.40 24.33 -3.36
C LEU E 7 -9.91 23.38 -2.29
N VAL E 8 -9.22 23.33 -1.15
CA VAL E 8 -9.71 22.59 0.02
C VAL E 8 -10.01 23.61 1.12
N LEU E 9 -11.28 23.78 1.45
CA LEU E 9 -11.72 24.81 2.41
C LEU E 9 -12.29 24.21 3.68
N ASP E 10 -11.89 24.77 4.82
CA ASP E 10 -12.46 24.44 6.13
C ASP E 10 -13.52 25.48 6.40
N VAL E 11 -14.78 25.07 6.41
CA VAL E 11 -15.91 26.01 6.37
C VAL E 11 -16.86 25.81 7.55
N LEU E 12 -17.35 26.93 8.06
CA LEU E 12 -18.37 26.96 9.11
C LEU E 12 -19.71 27.32 8.54
N LYS E 13 -20.72 26.54 8.89
CA LYS E 13 -22.09 26.82 8.45
C LYS E 13 -23.05 26.66 9.60
N PRO E 14 -24.11 27.51 9.66
CA PRO E 14 -25.14 27.30 10.65
C PRO E 14 -25.79 25.92 10.48
N ILE E 15 -26.04 25.24 11.59
CA ILE E 15 -26.56 23.87 11.60
C ILE E 15 -27.81 23.67 10.73
N ARG E 16 -28.54 24.76 10.48
CA ARG E 16 -29.61 24.75 9.50
C ARG E 16 -29.69 26.04 8.69
N GLY E 17 -30.33 25.93 7.53
CA GLY E 17 -30.38 27.00 6.55
C GLY E 17 -30.30 26.30 5.21
N THR E 18 -29.34 26.72 4.38
CA THR E 18 -29.07 26.02 3.16
C THR E 18 -28.47 24.67 3.51
N SER E 19 -29.12 23.57 3.11
CA SER E 19 -28.56 22.23 3.29
C SER E 19 -27.30 22.09 2.45
N ILE E 20 -26.38 21.23 2.90
CA ILE E 20 -25.10 21.08 2.20
C ILE E 20 -25.29 20.47 0.81
N VAL E 21 -26.41 19.78 0.61
CA VAL E 21 -26.74 19.24 -0.71
C VAL E 21 -26.96 20.39 -1.68
N ASP E 22 -27.86 21.32 -1.33
CA ASP E 22 -28.14 22.48 -2.17
C ASP E 22 -26.89 23.34 -2.37
N LEU E 23 -26.08 23.42 -1.32
CA LEU E 23 -24.82 24.15 -1.38
C LEU E 23 -23.83 23.51 -2.37
N ALA E 24 -23.70 22.19 -2.34
CA ALA E 24 -22.81 21.47 -3.24
C ALA E 24 -23.27 21.64 -4.67
N GLU E 25 -24.58 21.61 -4.87
CA GLU E 25 -25.14 21.73 -6.22
C GLU E 25 -24.84 23.12 -6.78
N ARG E 26 -25.10 24.17 -5.99
CA ARG E 26 -24.86 25.57 -6.41
C ARG E 26 -23.42 25.77 -6.83
N ILE E 27 -22.48 25.30 -6.01
CA ILE E 27 -21.06 25.44 -6.31
C ILE E 27 -20.68 24.67 -7.58
N SER E 28 -21.25 23.49 -7.77
CA SER E 28 -20.92 22.65 -8.94
C SER E 28 -21.36 23.29 -10.26
N LYS E 29 -22.27 24.25 -10.20
CA LYS E 29 -22.73 24.93 -11.40
C LYS E 29 -21.87 26.13 -11.79
N LEU E 30 -20.90 26.51 -10.98
CA LEU E 30 -20.01 27.62 -11.33
C LEU E 30 -19.11 27.26 -12.51
N ASP E 31 -18.72 28.28 -13.29
CA ASP E 31 -17.84 28.09 -14.44
C ASP E 31 -16.50 27.51 -14.01
N GLY E 32 -16.09 26.44 -14.70
CA GLY E 32 -14.80 25.82 -14.46
C GLY E 32 -14.83 24.70 -13.44
N VAL E 33 -15.87 24.66 -12.61
CA VAL E 33 -15.96 23.65 -11.57
C VAL E 33 -16.32 22.31 -12.18
N GLU E 34 -15.52 21.29 -11.89
CA GLU E 34 -15.79 19.95 -12.41
C GLU E 34 -16.28 18.99 -11.35
N GLY E 35 -16.10 19.35 -10.09
CA GLY E 35 -16.58 18.52 -8.98
C GLY E 35 -16.45 19.19 -7.63
N VAL E 36 -17.42 18.91 -6.76
CA VAL E 36 -17.41 19.38 -5.38
C VAL E 36 -17.67 18.22 -4.42
N ASN E 37 -16.89 18.14 -3.35
CA ASN E 37 -17.13 17.20 -2.28
C ASN E 37 -17.25 17.96 -0.98
N ILE E 38 -18.45 17.95 -0.39
CA ILE E 38 -18.67 18.53 0.94
C ILE E 38 -18.90 17.42 1.95
N SER E 39 -18.10 17.38 3.01
CA SER E 39 -18.29 16.40 4.06
C SER E 39 -18.26 17.08 5.42
N VAL E 40 -19.05 16.55 6.35
CA VAL E 40 -19.14 17.09 7.68
C VAL E 40 -17.98 16.53 8.50
N THR E 41 -17.20 17.44 9.10
CA THR E 41 -16.07 17.04 9.95
C THR E 41 -16.50 17.00 11.42
N ASP E 42 -17.27 18.00 11.85
CA ASP E 42 -17.89 18.01 13.18
C ASP E 42 -19.05 18.99 13.28
N MET E 43 -19.79 18.95 14.38
CA MET E 43 -20.83 19.95 14.61
C MET E 43 -21.15 20.21 16.07
N ASP E 44 -21.24 21.49 16.41
CA ASP E 44 -21.73 21.97 17.70
C ASP E 44 -23.26 21.89 17.73
N VAL E 45 -23.86 22.59 18.69
CA VAL E 45 -25.30 22.75 18.74
C VAL E 45 -25.87 23.63 17.63
N GLU E 46 -25.14 24.69 17.26
CA GLU E 46 -25.67 25.67 16.30
C GLU E 46 -24.84 25.81 15.03
N THR E 47 -23.65 25.22 14.97
CA THR E 47 -22.81 25.35 13.78
C THR E 47 -22.27 24.00 13.32
N MET E 48 -22.03 23.93 12.01
CA MET E 48 -21.61 22.73 11.32
C MET E 48 -20.20 23.00 10.79
N GLY E 49 -19.28 22.06 11.02
CA GLY E 49 -17.91 22.13 10.46
C GLY E 49 -17.80 21.30 9.19
N LEU E 50 -17.48 21.96 8.08
CA LEU E 50 -17.45 21.33 6.76
C LEU E 50 -16.08 21.40 6.09
N MET E 51 -15.70 20.32 5.40
CA MET E 51 -14.57 20.38 4.48
CA MET E 51 -14.55 20.33 4.49
C MET E 51 -15.13 20.34 3.07
N ILE E 52 -14.89 21.42 2.35
CA ILE E 52 -15.33 21.56 0.99
C ILE E 52 -14.13 21.45 0.06
N ILE E 53 -14.12 20.40 -0.76
CA ILE E 53 -13.11 20.22 -1.79
C ILE E 53 -13.72 20.54 -3.14
N ILE E 54 -13.17 21.55 -3.82
CA ILE E 54 -13.60 21.92 -5.17
C ILE E 54 -12.46 21.65 -6.16
N GLU E 55 -12.76 20.98 -7.27
CA GLU E 55 -11.78 20.79 -8.34
C GLU E 55 -12.33 21.27 -9.67
N GLY E 56 -11.44 21.72 -10.55
CA GLY E 56 -11.85 22.18 -11.87
C GLY E 56 -10.74 22.84 -12.65
N THR E 57 -11.10 23.82 -13.46
CA THR E 57 -10.15 24.58 -14.25
C THR E 57 -10.45 26.07 -14.09
N SER E 58 -9.40 26.86 -13.91
CA SER E 58 -9.50 28.29 -13.58
C SER E 58 -10.72 28.58 -12.68
N LEU E 59 -10.73 27.94 -11.51
CA LEU E 59 -11.74 28.19 -10.50
C LEU E 59 -11.63 29.64 -10.04
N ASN E 60 -12.76 30.34 -9.98
CA ASN E 60 -12.81 31.70 -9.48
C ASN E 60 -13.11 31.77 -7.97
N PHE E 61 -12.06 31.98 -7.17
CA PHE E 61 -12.18 31.93 -5.72
C PHE E 61 -13.12 33.02 -5.20
N ASP E 62 -13.05 34.20 -5.79
CA ASP E 62 -13.94 35.28 -5.40
C ASP E 62 -15.41 34.89 -5.52
N ASP E 63 -15.78 34.26 -6.64
CA ASP E 63 -17.15 33.80 -6.80
C ASP E 63 -17.50 32.78 -5.73
N ILE E 64 -16.60 31.83 -5.50
CA ILE E 64 -16.87 30.77 -4.54
C ILE E 64 -17.04 31.36 -3.14
N ARG E 65 -16.11 32.22 -2.73
CA ARG E 65 -16.21 32.89 -1.42
C ARG E 65 -17.52 33.68 -1.27
N LYS E 66 -17.89 34.40 -2.32
CA LYS E 66 -19.12 35.18 -2.32
C LYS E 66 -20.33 34.28 -2.09
N MET E 67 -20.34 33.15 -2.78
CA MET E 67 -21.45 32.20 -2.69
C MET E 67 -21.59 31.60 -1.29
N LEU E 68 -20.45 31.24 -0.68
CA LEU E 68 -20.45 30.70 0.67
C LEU E 68 -20.97 31.69 1.71
N GLU E 69 -20.58 32.96 1.59
CA GLU E 69 -21.08 33.99 2.48
C GLU E 69 -22.59 34.12 2.36
N GLU E 70 -23.07 34.21 1.12
CA GLU E 70 -24.49 34.33 0.85
C GLU E 70 -25.29 33.18 1.43
N GLU E 71 -24.69 31.99 1.48
CA GLU E 71 -25.35 30.81 2.04
C GLU E 71 -25.11 30.66 3.55
N GLY E 72 -24.57 31.71 4.17
CA GLY E 72 -24.41 31.73 5.62
C GLY E 72 -23.15 31.03 6.10
N CYS E 73 -22.22 30.73 5.18
CA CYS E 73 -20.99 30.04 5.56
C CYS E 73 -19.84 31.00 5.79
N ALA E 74 -18.89 30.53 6.60
CA ALA E 74 -17.63 31.24 6.81
C ALA E 74 -16.48 30.32 6.44
N ILE E 75 -15.46 30.86 5.76
CA ILE E 75 -14.24 30.10 5.54
C ILE E 75 -13.33 30.29 6.76
N HIS E 76 -13.14 29.24 7.51
CA HIS E 76 -12.20 29.27 8.63
C HIS E 76 -10.76 29.19 8.14
N SER E 77 -10.56 28.41 7.08
CA SER E 77 -9.22 28.17 6.59
C SER E 77 -9.22 27.61 5.17
N ILE E 78 -8.33 28.15 4.34
CA ILE E 78 -7.98 27.57 3.06
C ILE E 78 -6.82 26.63 3.34
N ASP E 79 -7.10 25.33 3.40
CA ASP E 79 -6.11 24.33 3.79
C ASP E 79 -5.14 23.96 2.67
N GLU E 80 -5.61 23.98 1.43
CA GLU E 80 -4.81 23.61 0.29
C GLU E 80 -5.34 24.31 -0.95
N VAL E 81 -4.43 24.75 -1.80
CA VAL E 81 -4.79 25.25 -3.12
C VAL E 81 -3.80 24.70 -4.14
N VAL E 82 -4.31 24.31 -5.30
CA VAL E 82 -3.46 23.84 -6.39
C VAL E 82 -3.75 24.68 -7.61
N SER E 83 -2.68 25.14 -8.26
CA SER E 83 -2.81 26.00 -9.43
C SER E 83 -1.88 25.55 -10.55
N GLY E 84 -2.28 25.82 -11.78
CA GLY E 84 -1.42 25.60 -12.96
C GLY E 84 -1.94 24.61 -13.96
N ASN E 85 -1.02 24.10 -14.79
CA ASN E 85 -1.36 23.26 -15.94
C ASN E 85 -1.73 21.86 -15.50
N ARG E 86 -1.08 21.42 -14.43
CA ARG E 86 -1.36 20.10 -13.86
C ARG E 86 -1.42 20.08 -12.32
N ILE E 87 -2.12 19.09 -11.80
CA ILE E 87 -2.28 18.86 -10.37
C ILE E 87 -1.00 18.36 -9.69
N ILE E 88 -0.42 19.20 -8.83
CA ILE E 88 0.67 18.81 -7.94
C ILE E 88 0.07 18.45 -6.59
N GLU E 89 0.38 17.27 -6.08
CA GLU E 89 -0.09 16.87 -4.76
C GLU E 89 0.92 17.29 -3.68
N GLY E 90 0.49 17.17 -2.42
CA GLY E 90 1.31 17.53 -1.25
C GLY E 90 2.06 16.34 -0.68
N ALA F 3 -24.97 17.89 -11.42
CA ALA F 3 -25.88 17.72 -10.27
C ALA F 3 -25.27 16.71 -9.28
N ILE F 4 -26.11 15.98 -8.55
CA ILE F 4 -25.62 15.18 -7.44
C ILE F 4 -25.23 13.76 -7.84
N ARG F 5 -24.00 13.40 -7.49
CA ARG F 5 -23.39 12.12 -7.83
C ARG F 5 -23.33 11.18 -6.66
N ARG F 6 -23.08 11.70 -5.47
CA ARG F 6 -23.00 10.88 -4.27
C ARG F 6 -23.63 11.57 -3.08
N LEU F 7 -24.46 10.84 -2.35
CA LEU F 7 -25.03 11.26 -1.08
C LEU F 7 -24.66 10.23 -0.03
N VAL F 8 -24.11 10.69 1.10
CA VAL F 8 -23.90 9.83 2.26
C VAL F 8 -24.80 10.34 3.40
N LEU F 9 -25.80 9.52 3.75
CA LEU F 9 -26.81 9.93 4.73
C LEU F 9 -26.73 9.11 6.02
N ASP F 10 -26.81 9.82 7.15
CA ASP F 10 -26.93 9.21 8.46
C ASP F 10 -28.43 9.18 8.75
N VAL F 11 -28.99 7.98 8.80
CA VAL F 11 -30.44 7.83 8.80
C VAL F 11 -30.92 6.99 9.99
N LEU F 12 -32.04 7.44 10.59
CA LEU F 12 -32.69 6.75 11.67
C LEU F 12 -33.90 6.01 11.12
N LYS F 13 -34.06 4.75 11.50
CA LYS F 13 -35.22 3.95 11.10
C LYS F 13 -35.74 3.14 12.28
N PRO F 14 -37.07 2.98 12.38
CA PRO F 14 -37.60 2.10 13.41
C PRO F 14 -37.08 0.68 13.24
N ILE F 15 -36.75 0.04 14.35
CA ILE F 15 -36.11 -1.29 14.36
C ILE F 15 -36.87 -2.33 13.54
N ARG F 16 -38.16 -2.10 13.33
CA ARG F 16 -38.91 -2.90 12.37
C ARG F 16 -39.92 -2.07 11.59
N GLY F 17 -40.34 -2.61 10.45
CA GLY F 17 -41.17 -1.93 9.48
C GLY F 17 -40.64 -2.37 8.14
N THR F 18 -40.31 -1.40 7.29
CA THR F 18 -39.66 -1.71 6.04
C THR F 18 -38.25 -2.22 6.37
N SER F 19 -37.94 -3.44 5.96
CA SER F 19 -36.57 -3.95 6.10
C SER F 19 -35.62 -3.16 5.23
N ILE F 20 -34.35 -3.12 5.61
CA ILE F 20 -33.38 -2.31 4.87
C ILE F 20 -33.06 -2.89 3.49
N VAL F 21 -33.38 -4.16 3.29
CA VAL F 21 -33.27 -4.77 1.98
C VAL F 21 -34.31 -4.19 1.01
N ASP F 22 -35.58 -4.18 1.42
CA ASP F 22 -36.63 -3.54 0.62
C ASP F 22 -36.35 -2.06 0.42
N LEU F 23 -35.81 -1.41 1.43
CA LEU F 23 -35.49 0.00 1.36
C LEU F 23 -34.39 0.29 0.32
N ALA F 24 -33.35 -0.54 0.33
CA ALA F 24 -32.25 -0.43 -0.62
C ALA F 24 -32.74 -0.67 -2.05
N GLU F 25 -33.62 -1.63 -2.20
CA GLU F 25 -34.16 -1.95 -3.53
C GLU F 25 -34.95 -0.77 -4.09
N ARG F 26 -35.84 -0.19 -3.30
CA ARG F 26 -36.70 0.88 -3.79
C ARG F 26 -35.91 2.14 -4.12
N ILE F 27 -34.89 2.47 -3.33
CA ILE F 27 -34.00 3.58 -3.65
C ILE F 27 -33.22 3.32 -4.93
N SER F 28 -32.80 2.08 -5.13
CA SER F 28 -32.00 1.74 -6.32
C SER F 28 -32.81 1.86 -7.62
N LYS F 29 -34.13 1.86 -7.53
CA LYS F 29 -34.99 1.99 -8.70
C LYS F 29 -35.29 3.44 -9.09
N LEU F 30 -34.84 4.42 -8.30
CA LEU F 30 -35.02 5.83 -8.66
C LEU F 30 -34.17 6.23 -9.87
N ASP F 31 -34.67 7.20 -10.63
CA ASP F 31 -33.98 7.70 -11.82
C ASP F 31 -32.61 8.24 -11.44
N GLY F 32 -31.59 7.81 -12.17
CA GLY F 32 -30.25 8.33 -11.96
C GLY F 32 -29.45 7.56 -10.94
N VAL F 33 -30.10 6.75 -10.11
CA VAL F 33 -29.39 5.97 -9.11
C VAL F 33 -28.69 4.78 -9.74
N GLU F 34 -27.40 4.66 -9.51
CA GLU F 34 -26.62 3.54 -10.03
C GLU F 34 -26.29 2.49 -8.97
N GLY F 35 -26.35 2.89 -7.70
CA GLY F 35 -26.05 1.98 -6.62
C GLY F 35 -26.43 2.54 -5.26
N VAL F 36 -26.85 1.65 -4.36
CA VAL F 36 -27.12 1.99 -2.97
C VAL F 36 -26.39 1.02 -2.04
N ASN F 37 -25.78 1.56 -0.98
CA ASN F 37 -25.20 0.75 0.07
C ASN F 37 -25.80 1.18 1.40
N ILE F 38 -26.58 0.30 2.03
CA ILE F 38 -27.12 0.55 3.35
C ILE F 38 -26.41 -0.36 4.34
N SER F 39 -25.80 0.23 5.38
CA SER F 39 -25.23 -0.58 6.44
C SER F 39 -25.64 -0.08 7.81
N VAL F 40 -25.80 -1.00 8.75
CA VAL F 40 -26.19 -0.68 10.11
C VAL F 40 -24.97 -0.24 10.89
N THR F 41 -25.05 0.96 11.47
CA THR F 41 -23.95 1.51 12.27
C THR F 41 -24.16 1.22 13.75
N ASP F 42 -25.41 1.36 14.21
CA ASP F 42 -25.79 0.92 15.57
C ASP F 42 -27.31 0.78 15.71
N MET F 43 -27.76 0.23 16.84
CA MET F 43 -29.19 0.17 17.12
C MET F 43 -29.55 0.14 18.59
N ASP F 44 -30.53 0.96 18.95
CA ASP F 44 -31.18 0.95 20.25
C ASP F 44 -32.21 -0.20 20.32
N VAL F 45 -33.08 -0.13 21.32
CA VAL F 45 -34.19 -1.08 21.45
C VAL F 45 -35.23 -0.86 20.38
N GLU F 46 -35.48 0.39 19.99
CA GLU F 46 -36.59 0.69 19.06
C GLU F 46 -36.20 1.37 17.76
N THR F 47 -34.94 1.81 17.65
CA THR F 47 -34.48 2.47 16.43
C THR F 47 -33.14 1.93 15.93
N MET F 48 -32.97 2.02 14.62
CA MET F 48 -31.84 1.49 13.90
C MET F 48 -31.07 2.68 13.31
N GLY F 49 -29.76 2.71 13.52
CA GLY F 49 -28.88 3.73 12.92
C GLY F 49 -28.26 3.23 11.62
N LEU F 50 -28.53 3.91 10.52
CA LEU F 50 -28.11 3.48 9.19
C LEU F 50 -27.22 4.50 8.46
N MET F 51 -26.21 3.99 7.76
CA MET F 51 -25.43 4.78 6.82
CA MET F 51 -25.44 4.79 6.83
C MET F 51 -25.91 4.41 5.43
N ILE F 52 -26.55 5.34 4.73
CA ILE F 52 -27.03 5.08 3.37
C ILE F 52 -26.17 5.85 2.36
N ILE F 53 -25.41 5.13 1.55
CA ILE F 53 -24.61 5.71 0.50
C ILE F 53 -25.30 5.48 -0.83
N ILE F 54 -25.64 6.57 -1.52
CA ILE F 54 -26.27 6.53 -2.84
C ILE F 54 -25.33 7.16 -3.87
N GLU F 55 -25.08 6.46 -4.97
CA GLU F 55 -24.31 7.03 -6.07
C GLU F 55 -25.11 6.98 -7.35
N GLY F 56 -24.84 7.93 -8.25
CA GLY F 56 -25.50 7.94 -9.53
C GLY F 56 -25.23 9.21 -10.30
N THR F 57 -26.20 9.60 -11.11
CA THR F 57 -26.11 10.80 -11.93
C THR F 57 -27.37 11.62 -11.76
N SER F 58 -27.21 12.92 -11.58
CA SER F 58 -28.30 13.85 -11.22
C SER F 58 -29.32 13.21 -10.28
N LEU F 59 -28.83 12.78 -9.12
CA LEU F 59 -29.68 12.23 -8.08
C LEU F 59 -30.63 13.30 -7.60
N ASN F 60 -31.91 12.95 -7.49
CA ASN F 60 -32.90 13.88 -6.97
C ASN F 60 -33.08 13.71 -5.47
N PHE F 61 -32.48 14.62 -4.70
CA PHE F 61 -32.49 14.52 -3.24
C PHE F 61 -33.90 14.61 -2.65
N ASP F 62 -34.74 15.46 -3.23
CA ASP F 62 -36.12 15.59 -2.79
C ASP F 62 -36.84 14.25 -2.87
N ASP F 63 -36.70 13.53 -3.99
CA ASP F 63 -37.32 12.21 -4.13
C ASP F 63 -36.79 11.25 -3.10
N ILE F 64 -35.48 11.23 -2.92
CA ILE F 64 -34.86 10.33 -1.96
C ILE F 64 -35.34 10.68 -0.56
N ARG F 65 -35.34 11.98 -0.23
CA ARG F 65 -35.84 12.44 1.07
C ARG F 65 -37.33 12.10 1.25
N LYS F 66 -38.12 12.35 0.21
CA LYS F 66 -39.54 12.04 0.24
C LYS F 66 -39.76 10.56 0.46
N MET F 67 -39.00 9.74 -0.27
CA MET F 67 -39.10 8.29 -0.16
C MET F 67 -38.75 7.78 1.23
N LEU F 68 -37.69 8.31 1.81
CA LEU F 68 -37.27 7.92 3.15
C LEU F 68 -38.32 8.24 4.22
N GLU F 69 -38.92 9.44 4.12
CA GLU F 69 -39.97 9.82 5.04
C GLU F 69 -41.13 8.85 4.92
N GLU F 70 -41.56 8.60 3.68
CA GLU F 70 -42.67 7.69 3.43
C GLU F 70 -42.41 6.34 4.01
N GLU F 71 -41.16 5.89 4.02
CA GLU F 71 -40.79 4.57 4.58
C GLU F 71 -40.52 4.62 6.08
N GLY F 72 -40.84 5.73 6.72
CA GLY F 72 -40.70 5.87 8.17
C GLY F 72 -39.32 6.27 8.63
N CYS F 73 -38.46 6.71 7.71
CA CYS F 73 -37.09 7.09 8.05
C CYS F 73 -36.94 8.58 8.25
N ALA F 74 -35.94 8.95 9.04
CA ALA F 74 -35.54 10.32 9.24
C ALA F 74 -34.07 10.47 8.85
N ILE F 75 -33.74 11.57 8.19
CA ILE F 75 -32.35 11.89 7.93
C ILE F 75 -31.82 12.67 9.12
N HIS F 76 -30.92 12.05 9.87
CA HIS F 76 -30.26 12.71 10.99
C HIS F 76 -29.20 13.67 10.48
N SER F 77 -28.51 13.27 9.42
CA SER F 77 -27.39 14.05 8.91
C SER F 77 -27.02 13.66 7.48
N ILE F 78 -26.79 14.67 6.65
CA ILE F 78 -26.17 14.49 5.35
C ILE F 78 -24.67 14.63 5.59
N ASP F 79 -23.97 13.50 5.61
CA ASP F 79 -22.54 13.49 6.00
C ASP F 79 -21.61 13.91 4.89
N GLU F 80 -21.99 13.60 3.64
CA GLU F 80 -21.18 13.90 2.47
C GLU F 80 -22.06 14.02 1.27
N VAL F 81 -21.77 14.98 0.41
CA VAL F 81 -22.41 15.09 -0.90
C VAL F 81 -21.34 15.40 -1.94
N VAL F 82 -21.44 14.76 -3.10
CA VAL F 82 -20.53 15.03 -4.21
C VAL F 82 -21.35 15.44 -5.43
N SER F 83 -20.92 16.52 -6.07
CA SER F 83 -21.64 17.07 -7.22
C SER F 83 -20.71 17.45 -8.35
N GLY F 84 -21.20 17.34 -9.59
CA GLY F 84 -20.45 17.77 -10.78
C GLY F 84 -20.15 16.68 -11.79
N ASN F 85 -19.16 16.97 -12.65
CA ASN F 85 -18.81 16.12 -13.78
C ASN F 85 -18.13 14.84 -13.36
N ARG F 86 -17.42 14.86 -12.24
CA ARG F 86 -16.77 13.67 -11.69
C ARG F 86 -16.94 13.55 -10.17
N ILE F 87 -16.83 12.32 -9.67
CA ILE F 87 -16.78 12.07 -8.25
C ILE F 87 -15.41 12.47 -7.70
N ILE F 88 -15.41 13.50 -6.84
CA ILE F 88 -14.22 13.92 -6.09
C ILE F 88 -14.26 13.21 -4.73
N GLU F 89 -13.13 12.64 -4.32
CA GLU F 89 -13.07 11.94 -3.03
C GLU F 89 -12.71 12.88 -1.88
N GLY F 90 -13.08 12.47 -0.68
CA GLY F 90 -12.67 13.15 0.54
C GLY F 90 -11.36 12.61 1.08
N GLY G 1 -32.60 -3.19 -14.52
CA GLY G 1 -33.03 -3.24 -13.07
C GLY G 1 -32.43 -4.45 -12.30
N MET G 2 -31.24 -4.27 -11.72
CA MET G 2 -30.46 -5.41 -11.21
C MET G 2 -30.71 -5.77 -9.74
N ALA G 3 -31.45 -4.90 -9.04
CA ALA G 3 -31.89 -5.14 -7.67
C ALA G 3 -30.73 -5.53 -6.75
N ILE G 4 -30.90 -6.53 -5.90
CA ILE G 4 -29.93 -6.76 -4.85
C ILE G 4 -28.68 -7.43 -5.38
N ARG G 5 -27.54 -6.87 -4.98
CA ARG G 5 -26.23 -7.30 -5.45
C ARG G 5 -25.37 -7.94 -4.38
N ARG G 6 -25.47 -7.43 -3.15
CA ARG G 6 -24.69 -7.95 -2.05
C ARG G 6 -25.53 -7.97 -0.78
N LEU G 7 -25.43 -9.09 -0.06
CA LEU G 7 -26.00 -9.25 1.28
C LEU G 7 -24.91 -9.68 2.23
N VAL G 8 -24.78 -8.98 3.36
CA VAL G 8 -23.87 -9.40 4.43
C VAL G 8 -24.74 -9.75 5.64
N LEU G 9 -24.76 -11.02 6.01
CA LEU G 9 -25.63 -11.50 7.06
C LEU G 9 -24.85 -12.01 8.26
N ASP G 10 -25.29 -11.62 9.46
CA ASP G 10 -24.80 -12.17 10.72
C ASP G 10 -25.74 -13.29 11.10
N VAL G 11 -25.24 -14.53 11.06
CA VAL G 11 -26.10 -15.70 11.15
C VAL G 11 -25.71 -16.62 12.31
N LEU G 12 -26.73 -17.16 12.97
CA LEU G 12 -26.55 -18.15 14.04
C LEU G 12 -26.89 -19.52 13.54
N LYS G 13 -26.02 -20.49 13.80
CA LYS G 13 -26.25 -21.88 13.37
C LYS G 13 -25.90 -22.81 14.51
N PRO G 14 -26.66 -23.92 14.68
CA PRO G 14 -26.25 -24.92 15.65
C PRO G 14 -24.88 -25.49 15.30
N ILE G 15 -24.05 -25.68 16.32
CA ILE G 15 -22.66 -26.11 16.16
C ILE G 15 -22.50 -27.34 15.26
N ARG G 16 -23.54 -28.15 15.17
CA ARG G 16 -23.56 -29.24 14.21
C ARG G 16 -24.92 -29.40 13.54
N GLY G 17 -24.92 -30.05 12.39
CA GLY G 17 -26.10 -30.20 11.56
C GLY G 17 -25.58 -30.10 10.15
N THR G 18 -26.14 -29.17 9.38
CA THR G 18 -25.62 -28.88 8.07
C THR G 18 -24.27 -28.19 8.27
N SER G 19 -23.20 -28.77 7.72
CA SER G 19 -21.89 -28.11 7.74
C SER G 19 -21.96 -26.84 6.91
N ILE G 20 -21.10 -25.88 7.22
CA ILE G 20 -21.09 -24.62 6.51
C ILE G 20 -20.61 -24.79 5.07
N VAL G 21 -19.87 -25.86 4.79
CA VAL G 21 -19.47 -26.17 3.43
C VAL G 21 -20.71 -26.49 2.59
N ASP G 22 -21.53 -27.44 3.04
CA ASP G 22 -22.76 -27.79 2.34
C ASP G 22 -23.69 -26.58 2.23
N LEU G 23 -23.71 -25.76 3.27
CA LEU G 23 -24.55 -24.58 3.31
C LEU G 23 -24.10 -23.55 2.26
N ALA G 24 -22.79 -23.34 2.15
CA ALA G 24 -22.23 -22.42 1.16
C ALA G 24 -22.52 -22.92 -0.25
N GLU G 25 -22.41 -24.23 -0.46
CA GLU G 25 -22.66 -24.80 -1.77
C GLU G 25 -24.11 -24.59 -2.15
N ARG G 26 -25.02 -24.91 -1.22
CA ARG G 26 -26.45 -24.81 -1.49
C ARG G 26 -26.91 -23.40 -1.83
N ILE G 27 -26.41 -22.40 -1.11
CA ILE G 27 -26.66 -20.99 -1.42
C ILE G 27 -26.09 -20.56 -2.76
N SER G 28 -24.90 -21.05 -3.10
CA SER G 28 -24.25 -20.69 -4.36
C SER G 28 -25.02 -21.16 -5.59
N LYS G 29 -25.89 -22.16 -5.42
CA LYS G 29 -26.67 -22.69 -6.53
C LYS G 29 -27.98 -21.91 -6.80
N LEU G 30 -28.31 -20.95 -5.95
CA LEU G 30 -29.52 -20.15 -6.17
C LEU G 30 -29.35 -19.25 -7.38
N ASP G 31 -30.48 -18.93 -8.03
CA ASP G 31 -30.50 -18.06 -9.21
C ASP G 31 -29.96 -16.68 -8.88
N GLY G 32 -29.02 -16.21 -9.69
CA GLY G 32 -28.47 -14.87 -9.51
C GLY G 32 -27.26 -14.81 -8.61
N VAL G 33 -27.03 -15.84 -7.81
CA VAL G 33 -25.88 -15.86 -6.90
C VAL G 33 -24.60 -16.13 -7.67
N GLU G 34 -23.60 -15.27 -7.51
CA GLU G 34 -22.32 -15.45 -8.18
C GLU G 34 -21.21 -15.88 -7.25
N GLY G 35 -21.41 -15.67 -5.95
CA GLY G 35 -20.43 -16.10 -4.96
C GLY G 35 -20.96 -16.01 -3.54
N VAL G 36 -20.51 -16.95 -2.71
CA VAL G 36 -20.82 -16.94 -1.29
C VAL G 36 -19.54 -17.09 -0.47
N ASN G 37 -19.40 -16.29 0.58
CA ASN G 37 -18.31 -16.45 1.53
C ASN G 37 -18.90 -16.62 2.92
N ILE G 38 -18.70 -17.80 3.52
CA ILE G 38 -19.08 -18.05 4.89
C ILE G 38 -17.83 -18.14 5.74
N SER G 39 -17.77 -17.35 6.81
CA SER G 39 -16.68 -17.48 7.76
C SER G 39 -17.19 -17.46 9.20
N VAL G 40 -16.51 -18.21 10.05
CA VAL G 40 -16.89 -18.31 11.44
C VAL G 40 -16.31 -17.11 12.18
N THR G 41 -17.18 -16.37 12.88
CA THR G 41 -16.77 -15.22 13.67
C THR G 41 -16.53 -15.61 15.13
N ASP G 42 -17.42 -16.44 15.68
CA ASP G 42 -17.22 -17.05 17.00
C ASP G 42 -18.09 -18.29 17.21
N MET G 43 -17.88 -18.99 18.32
CA MET G 43 -18.79 -20.09 18.67
C MET G 43 -18.83 -20.43 20.16
N ASP G 44 -20.07 -20.59 20.65
CA ASP G 44 -20.36 -21.08 21.98
C ASP G 44 -20.20 -22.61 22.01
N VAL G 45 -20.74 -23.24 23.04
CA VAL G 45 -20.79 -24.70 23.14
C VAL G 45 -21.74 -25.32 22.13
N GLU G 46 -22.88 -24.67 21.89
CA GLU G 46 -23.93 -25.27 21.06
C GLU G 46 -24.29 -24.49 19.79
N THR G 47 -23.80 -23.26 19.65
CA THR G 47 -24.10 -22.44 18.48
C THR G 47 -22.87 -21.82 17.85
N MET G 48 -22.97 -21.58 16.56
CA MET G 48 -21.89 -21.09 15.71
C MET G 48 -22.31 -19.71 15.19
N GLY G 49 -21.43 -18.72 15.34
CA GLY G 49 -21.63 -17.38 14.79
C GLY G 49 -20.98 -17.24 13.41
N LEU G 50 -21.77 -16.95 12.39
CA LEU G 50 -21.31 -16.91 11.00
C LEU G 50 -21.54 -15.56 10.33
N MET G 51 -20.56 -15.11 9.53
CA MET G 51 -20.76 -13.98 8.63
CA MET G 51 -20.78 -13.98 8.64
C MET G 51 -20.91 -14.57 7.22
N ILE G 52 -22.09 -14.40 6.64
CA ILE G 52 -22.35 -14.91 5.29
C ILE G 52 -22.45 -13.74 4.32
N ILE G 53 -21.48 -13.66 3.41
CA ILE G 53 -21.50 -12.65 2.35
C ILE G 53 -21.94 -13.30 1.04
N ILE G 54 -23.04 -12.82 0.48
CA ILE G 54 -23.56 -13.29 -0.79
C ILE G 54 -23.50 -12.17 -1.81
N GLU G 55 -22.93 -12.44 -2.99
CA GLU G 55 -22.92 -11.46 -4.08
C GLU G 55 -23.55 -12.07 -5.33
N GLY G 56 -24.14 -11.21 -6.15
CA GLY G 56 -24.74 -11.66 -7.39
C GLY G 56 -25.56 -10.59 -8.07
N THR G 57 -26.61 -11.02 -8.77
CA THR G 57 -27.50 -10.14 -9.47
C THR G 57 -28.95 -10.52 -9.17
N SER G 58 -29.78 -9.53 -8.88
CA SER G 58 -31.14 -9.74 -8.38
C SER G 58 -31.25 -10.95 -7.46
N LEU G 59 -30.48 -10.89 -6.38
CA LEU G 59 -30.53 -11.90 -5.33
C LEU G 59 -31.91 -11.88 -4.70
N ASN G 60 -32.50 -13.06 -4.53
CA ASN G 60 -33.80 -13.19 -3.89
C ASN G 60 -33.65 -13.46 -2.42
N PHE G 61 -33.84 -12.43 -1.60
CA PHE G 61 -33.64 -12.53 -0.15
C PHE G 61 -34.61 -13.52 0.48
N ASP G 62 -35.84 -13.55 0.03
CA ASP G 62 -36.81 -14.50 0.56
C ASP G 62 -36.32 -15.93 0.40
N ASP G 63 -35.81 -16.29 -0.76
CA ASP G 63 -35.28 -17.64 -0.98
C ASP G 63 -34.12 -17.92 -0.05
N ILE G 64 -33.19 -16.98 0.06
CA ILE G 64 -31.99 -17.14 0.87
C ILE G 64 -32.40 -17.33 2.33
N ARG G 65 -33.27 -16.44 2.80
CA ARG G 65 -33.77 -16.55 4.15
C ARG G 65 -34.47 -17.91 4.38
N LYS G 66 -35.25 -18.34 3.39
CA LYS G 66 -35.95 -19.62 3.46
C LYS G 66 -34.97 -20.77 3.57
N MET G 67 -33.92 -20.71 2.76
CA MET G 67 -32.90 -21.75 2.73
C MET G 67 -32.14 -21.84 4.06
N LEU G 68 -31.79 -20.69 4.62
CA LEU G 68 -31.10 -20.64 5.90
C LEU G 68 -31.94 -21.22 7.05
N GLU G 69 -33.23 -20.92 7.07
CA GLU G 69 -34.12 -21.47 8.08
C GLU G 69 -34.18 -22.98 7.97
N GLU G 70 -34.37 -23.47 6.74
CA GLU G 70 -34.44 -24.91 6.49
C GLU G 70 -33.18 -25.64 6.93
N GLU G 71 -32.04 -24.98 6.85
CA GLU G 71 -30.78 -25.57 7.26
C GLU G 71 -30.47 -25.32 8.73
N GLY G 72 -31.45 -24.83 9.48
CA GLY G 72 -31.32 -24.64 10.91
C GLY G 72 -30.64 -23.35 11.32
N CYS G 73 -30.51 -22.41 10.38
CA CYS G 73 -29.86 -21.13 10.69
C CYS G 73 -30.87 -20.04 11.02
N ALA G 74 -30.39 -19.05 11.78
CA ALA G 74 -31.15 -17.85 12.07
C ALA G 74 -30.33 -16.65 11.63
N ILE G 75 -30.98 -15.66 11.03
CA ILE G 75 -30.34 -14.41 10.72
C ILE G 75 -30.46 -13.51 11.95
N HIS G 76 -29.34 -13.23 12.58
CA HIS G 76 -29.29 -12.32 13.71
C HIS G 76 -29.35 -10.88 13.23
N SER G 77 -28.72 -10.62 12.09
CA SER G 77 -28.60 -9.27 11.57
C SER G 77 -28.21 -9.23 10.09
N ILE G 78 -28.90 -8.37 9.35
CA ILE G 78 -28.50 -8.00 8.01
C ILE G 78 -27.57 -6.79 8.18
N ASP G 79 -26.27 -6.99 8.08
CA ASP G 79 -25.30 -5.94 8.37
C ASP G 79 -25.11 -4.95 7.23
N GLU G 80 -25.25 -5.43 6.00
CA GLU G 80 -25.07 -4.58 4.82
C GLU G 80 -25.89 -5.16 3.69
N VAL G 81 -26.44 -4.29 2.87
CA VAL G 81 -27.06 -4.68 1.61
C VAL G 81 -26.65 -3.67 0.54
N VAL G 82 -26.40 -4.17 -0.67
CA VAL G 82 -26.10 -3.32 -1.80
C VAL G 82 -27.06 -3.62 -2.93
N SER G 83 -27.65 -2.59 -3.51
CA SER G 83 -28.64 -2.76 -4.56
C SER G 83 -28.38 -1.82 -5.72
N GLY G 84 -28.75 -2.23 -6.92
CA GLY G 84 -28.71 -1.37 -8.09
C GLY G 84 -27.79 -1.82 -9.20
N ASN G 85 -27.44 -0.88 -10.09
CA ASN G 85 -26.70 -1.18 -11.32
C ASN G 85 -25.25 -1.56 -11.05
N ARG G 86 -24.67 -1.11 -9.94
CA ARG G 86 -23.31 -1.49 -9.57
C ARG G 86 -23.09 -1.57 -8.06
N ILE G 87 -21.98 -2.20 -7.68
CA ILE G 87 -21.62 -2.37 -6.28
C ILE G 87 -20.98 -1.11 -5.71
N ILE G 88 -21.54 -0.58 -4.62
CA ILE G 88 -20.95 0.51 -3.86
C ILE G 88 -20.33 -0.07 -2.61
N GLU G 89 -19.14 0.36 -2.24
CA GLU G 89 -18.54 -0.11 -0.99
C GLU G 89 -19.03 0.72 0.20
N GLY G 90 -18.82 0.18 1.40
CA GLY G 90 -19.06 0.91 2.65
C GLY G 90 -17.88 1.78 3.05
N GLY H 1 -21.75 -24.15 -13.05
CA GLY H 1 -21.90 -24.46 -11.58
C GLY H 1 -20.58 -24.98 -10.95
N MET H 2 -19.84 -24.09 -10.27
CA MET H 2 -18.45 -24.37 -9.87
C MET H 2 -18.30 -24.81 -8.41
N ALA H 3 -19.35 -24.62 -7.60
CA ALA H 3 -19.39 -25.14 -6.23
C ALA H 3 -18.26 -24.56 -5.36
N ILE H 4 -17.62 -25.40 -4.54
CA ILE H 4 -16.68 -24.94 -3.54
C ILE H 4 -15.35 -24.55 -4.17
N ARG H 5 -14.87 -23.35 -3.83
CA ARG H 5 -13.69 -22.76 -4.42
C ARG H 5 -12.53 -22.55 -3.45
N ARG H 6 -12.82 -22.23 -2.20
CA ARG H 6 -11.79 -22.04 -1.21
C ARG H 6 -12.22 -22.61 0.13
N LEU H 7 -11.32 -23.36 0.77
CA LEU H 7 -11.48 -23.81 2.15
C LEU H 7 -10.29 -23.35 2.97
N VAL H 8 -10.55 -22.70 4.09
CA VAL H 8 -9.50 -22.35 5.05
C VAL H 8 -9.74 -23.14 6.33
N LEU H 9 -8.83 -24.07 6.63
CA LEU H 9 -9.01 -25.01 7.74
C LEU H 9 -7.98 -24.81 8.85
N ASP H 10 -8.45 -24.81 10.09
CA ASP H 10 -7.58 -24.79 11.27
C ASP H 10 -7.43 -26.24 11.70
N VAL H 11 -6.24 -26.79 11.54
CA VAL H 11 -6.03 -28.21 11.65
C VAL H 11 -5.00 -28.56 12.72
N LEU H 12 -5.27 -29.65 13.45
CA LEU H 12 -4.34 -30.21 14.43
C LEU H 12 -3.69 -31.44 13.86
N LYS H 13 -2.37 -31.53 13.99
CA LYS H 13 -1.62 -32.71 13.54
C LYS H 13 -0.59 -33.12 14.58
N PRO H 14 -0.38 -34.44 14.77
CA PRO H 14 0.71 -34.86 15.64
C PRO H 14 2.05 -34.34 15.14
N ILE H 15 2.87 -33.86 16.08
CA ILE H 15 4.15 -33.22 15.76
C ILE H 15 5.03 -34.03 14.80
N ARG H 16 4.83 -35.33 14.75
CA ARG H 16 5.45 -36.17 13.74
C ARG H 16 4.50 -37.24 13.21
N GLY H 17 4.83 -37.76 12.02
CA GLY H 17 4.00 -38.70 11.30
C GLY H 17 4.15 -38.30 9.86
N THR H 18 3.03 -38.06 9.19
CA THR H 18 3.07 -37.52 7.85
C THR H 18 3.57 -36.09 7.94
N SER H 19 4.70 -35.80 7.28
CA SER H 19 5.18 -34.41 7.19
C SER H 19 4.14 -33.56 6.43
N ILE H 20 4.14 -32.27 6.72
CA ILE H 20 3.20 -31.37 6.07
C ILE H 20 3.49 -31.22 4.58
N VAL H 21 4.72 -31.52 4.17
CA VAL H 21 5.08 -31.49 2.76
C VAL H 21 4.35 -32.61 2.01
N ASP H 22 4.46 -33.83 2.52
CA ASP H 22 3.73 -34.98 1.94
C ASP H 22 2.23 -34.75 1.99
N LEU H 23 1.76 -34.12 3.06
CA LEU H 23 0.35 -33.83 3.23
C LEU H 23 -0.16 -32.83 2.20
N ALA H 24 0.63 -31.77 1.96
CA ALA H 24 0.27 -30.76 0.96
C ALA H 24 0.24 -31.40 -0.43
N GLU H 25 1.20 -32.27 -0.70
CA GLU H 25 1.29 -32.89 -2.01
C GLU H 25 0.05 -33.74 -2.27
N ARG H 26 -0.30 -34.59 -1.30
CA ARG H 26 -1.45 -35.47 -1.46
C ARG H 26 -2.71 -34.66 -1.76
N ILE H 27 -2.98 -33.66 -0.92
CA ILE H 27 -4.16 -32.84 -1.11
C ILE H 27 -4.18 -32.20 -2.49
N SER H 28 -3.02 -31.73 -2.94
CA SER H 28 -2.94 -31.04 -4.24
C SER H 28 -3.26 -31.95 -5.42
N LYS H 29 -3.22 -33.27 -5.21
CA LYS H 29 -3.52 -34.23 -6.27
C LYS H 29 -5.01 -34.56 -6.35
N LEU H 30 -5.83 -34.09 -5.41
CA LEU H 30 -7.27 -34.35 -5.48
C LEU H 30 -7.91 -33.61 -6.66
N ASP H 31 -9.00 -34.19 -7.18
CA ASP H 31 -9.73 -33.61 -8.29
C ASP H 31 -10.26 -32.22 -7.93
N GLY H 32 -10.00 -31.26 -8.82
CA GLY H 32 -10.50 -29.90 -8.64
C GLY H 32 -9.57 -28.98 -7.87
N VAL H 33 -8.61 -29.54 -7.14
CA VAL H 33 -7.69 -28.74 -6.35
C VAL H 33 -6.68 -28.08 -7.26
N GLU H 34 -6.54 -26.77 -7.15
CA GLU H 34 -5.56 -26.04 -7.94
C GLU H 34 -4.38 -25.56 -7.14
N GLY H 35 -4.52 -25.54 -5.81
CA GLY H 35 -3.43 -25.13 -4.95
C GLY H 35 -3.72 -25.40 -3.49
N VAL H 36 -2.66 -25.71 -2.74
CA VAL H 36 -2.72 -25.87 -1.30
C VAL H 36 -1.61 -25.06 -0.65
N ASN H 37 -1.95 -24.36 0.44
CA ASN H 37 -0.96 -23.69 1.27
C ASN H 37 -1.13 -24.19 2.71
N ILE H 38 -0.10 -24.89 3.21
CA ILE H 38 -0.08 -25.30 4.60
C ILE H 38 0.99 -24.50 5.35
N SER H 39 0.59 -23.81 6.41
CA SER H 39 1.58 -23.11 7.23
C SER H 39 1.36 -23.41 8.71
N VAL H 40 2.46 -23.48 9.45
CA VAL H 40 2.41 -23.75 10.88
C VAL H 40 2.10 -22.47 11.62
N THR H 41 1.03 -22.51 12.43
CA THR H 41 0.61 -21.36 13.22
C THR H 41 1.20 -21.44 14.63
N ASP H 42 1.19 -22.64 15.22
CA ASP H 42 1.90 -22.90 16.49
C ASP H 42 2.17 -24.40 16.73
N MET H 43 2.91 -24.71 17.78
CA MET H 43 3.06 -26.12 18.15
C MET H 43 3.40 -26.35 19.62
N ASP H 44 2.67 -27.31 20.20
CA ASP H 44 2.94 -27.84 21.53
C ASP H 44 4.12 -28.83 21.48
N VAL H 45 4.27 -29.61 22.54
CA VAL H 45 5.24 -30.69 22.56
C VAL H 45 4.90 -31.85 21.64
N GLU H 46 3.60 -32.16 21.52
CA GLU H 46 3.17 -33.35 20.77
C GLU H 46 2.22 -33.08 19.60
N THR H 47 1.73 -31.84 19.47
CA THR H 47 0.82 -31.51 18.38
C THR H 47 1.23 -30.23 17.68
N MET H 48 0.87 -30.16 16.40
CA MET H 48 1.21 -29.08 15.48
C MET H 48 -0.09 -28.38 15.08
N GLY H 49 -0.14 -27.05 15.19
CA GLY H 49 -1.27 -26.25 14.72
C GLY H 49 -1.03 -25.74 13.29
N LEU H 50 -1.93 -26.11 12.38
CA LEU H 50 -1.77 -25.80 10.94
C LEU H 50 -2.95 -25.00 10.37
N MET H 51 -2.64 -24.05 9.49
CA MET H 51 -3.66 -23.38 8.67
CA MET H 51 -3.65 -23.38 8.68
C MET H 51 -3.52 -23.94 7.26
N ILE H 52 -4.53 -24.68 6.82
CA ILE H 52 -4.53 -25.26 5.49
C ILE H 52 -5.49 -24.50 4.58
N ILE H 53 -4.94 -23.81 3.59
CA ILE H 53 -5.75 -23.12 2.58
C ILE H 53 -5.76 -23.92 1.27
N ILE H 54 -6.96 -24.36 0.87
CA ILE H 54 -7.15 -25.09 -0.37
C ILE H 54 -8.00 -24.28 -1.33
N GLU H 55 -7.52 -24.11 -2.56
CA GLU H 55 -8.30 -23.44 -3.60
C GLU H 55 -8.46 -24.34 -4.81
N GLY H 56 -9.57 -24.17 -5.51
CA GLY H 56 -9.83 -24.93 -6.71
C GLY H 56 -11.23 -24.73 -7.23
N THR H 57 -11.76 -25.78 -7.86
CA THR H 57 -13.09 -25.80 -8.44
C THR H 57 -13.80 -27.07 -8.01
N SER H 58 -15.06 -26.92 -7.59
CA SER H 58 -15.83 -28.00 -6.98
C SER H 58 -14.96 -28.92 -6.11
N LEU H 59 -14.35 -28.31 -5.10
CA LEU H 59 -13.58 -29.06 -4.11
C LEU H 59 -14.52 -29.97 -3.33
N ASN H 60 -14.11 -31.23 -3.17
CA ASN H 60 -14.89 -32.21 -2.40
C ASN H 60 -14.43 -32.25 -0.95
N PHE H 61 -15.19 -31.59 -0.09
CA PHE H 61 -14.81 -31.46 1.32
C PHE H 61 -14.72 -32.83 2.01
N ASP H 62 -15.66 -33.72 1.71
CA ASP H 62 -15.65 -35.05 2.27
C ASP H 62 -14.32 -35.73 2.00
N ASP H 63 -13.84 -35.68 0.76
CA ASP H 63 -12.56 -36.32 0.42
C ASP H 63 -11.42 -35.69 1.20
N ILE H 64 -11.41 -34.37 1.26
CA ILE H 64 -10.35 -33.66 1.97
C ILE H 64 -10.34 -34.01 3.46
N ARG H 65 -11.52 -34.00 4.10
CA ARG H 65 -11.66 -34.39 5.51
C ARG H 65 -11.18 -35.83 5.74
N LYS H 66 -11.57 -36.73 4.84
CA LYS H 66 -11.17 -38.15 4.95
C LYS H 66 -9.66 -38.27 4.93
N MET H 67 -9.03 -37.55 4.01
CA MET H 67 -7.58 -37.59 3.86
C MET H 67 -6.85 -37.08 5.11
N LEU H 68 -7.35 -36.00 5.69
CA LEU H 68 -6.77 -35.44 6.89
C LEU H 68 -6.86 -36.40 8.09
N GLU H 69 -8.00 -37.06 8.25
CA GLU H 69 -8.17 -38.05 9.30
C GLU H 69 -7.17 -39.18 9.14
N GLU H 70 -7.08 -39.72 7.93
CA GLU H 70 -6.16 -40.80 7.62
C GLU H 70 -4.72 -40.45 7.92
N GLU H 71 -4.37 -39.18 7.75
CA GLU H 71 -3.01 -38.71 8.03
C GLU H 71 -2.81 -38.29 9.47
N GLY H 72 -3.80 -38.57 10.33
CA GLY H 72 -3.69 -38.30 11.76
C GLY H 72 -4.10 -36.90 12.16
N CYS H 73 -4.74 -36.15 11.26
CA CYS H 73 -5.13 -34.78 11.56
C CYS H 73 -6.57 -34.67 12.02
N ALA H 74 -6.84 -33.60 12.74
CA ALA H 74 -8.19 -33.24 13.14
C ALA H 74 -8.47 -31.82 12.66
N ILE H 75 -9.68 -31.59 12.16
CA ILE H 75 -10.12 -30.25 11.85
C ILE H 75 -10.72 -29.63 13.10
N HIS H 76 -10.03 -28.65 13.66
CA HIS H 76 -10.52 -27.91 14.81
C HIS H 76 -11.61 -26.92 14.40
N SER H 77 -11.45 -26.34 13.21
CA SER H 77 -12.36 -25.31 12.75
C SER H 77 -12.25 -25.09 11.23
N ILE H 78 -13.40 -24.98 10.58
CA ILE H 78 -13.50 -24.47 9.23
C ILE H 78 -13.67 -22.97 9.36
N ASP H 79 -12.59 -22.21 9.15
CA ASP H 79 -12.60 -20.76 9.37
C ASP H 79 -13.27 -19.94 8.25
N GLU H 80 -13.17 -20.45 7.03
CA GLU H 80 -13.71 -19.76 5.87
C GLU H 80 -14.00 -20.77 4.77
N VAL H 81 -15.11 -20.57 4.08
CA VAL H 81 -15.41 -21.34 2.88
C VAL H 81 -15.96 -20.41 1.82
N VAL H 82 -15.50 -20.57 0.58
CA VAL H 82 -15.98 -19.79 -0.54
C VAL H 82 -16.56 -20.72 -1.58
N SER H 83 -17.75 -20.39 -2.07
CA SER H 83 -18.45 -21.23 -3.05
C SER H 83 -19.05 -20.41 -4.19
N GLY H 84 -19.13 -21.01 -5.36
CA GLY H 84 -19.81 -20.40 -6.50
C GLY H 84 -18.92 -20.13 -7.70
N ASN H 85 -19.41 -19.25 -8.56
CA ASN H 85 -18.81 -18.99 -9.87
C ASN H 85 -17.55 -18.17 -9.77
N ARG H 86 -17.51 -17.25 -8.81
CA ARG H 86 -16.30 -16.54 -8.50
C ARG H 86 -16.05 -16.32 -7.02
N ILE H 87 -14.77 -16.15 -6.70
CA ILE H 87 -14.29 -15.91 -5.34
C ILE H 87 -14.79 -14.57 -4.79
N ILE H 88 -15.49 -14.62 -3.66
CA ILE H 88 -15.79 -13.44 -2.85
C ILE H 88 -14.81 -13.45 -1.69
N GLU H 89 -14.24 -12.30 -1.35
CA GLU H 89 -13.37 -12.21 -0.17
C GLU H 89 -14.19 -11.78 1.04
N GLY H 90 -13.71 -12.19 2.21
CA GLY H 90 -14.37 -11.87 3.47
C GLY H 90 -14.16 -10.43 3.86
N LYS H 91 -14.77 -10.03 4.96
CA LYS H 91 -14.60 -8.70 5.50
C LYS H 91 -13.72 -8.79 6.75
#